data_2AF3
#
_entry.id   2AF3
#
_cell.length_a   114.469
_cell.length_b   114.469
_cell.length_c   127.832
_cell.angle_alpha   90.00
_cell.angle_beta   90.00
_cell.angle_gamma   90.00
#
_symmetry.space_group_name_H-M   'I 41'
#
loop_
_entity.id
_entity.type
_entity.pdbx_description
1 polymer 'Phosphate acetyltransferase'
2 non-polymer 'SULFATE ION'
3 non-polymer 'COENZYME A'
4 water water
#
_entity_poly.entity_id   1
_entity_poly.type   'polypeptide(L)'
_entity_poly.pdbx_seq_one_letter_code
;MVTFLEKISERAKKLNKTIALPETEDIRTLQAAAKILERGIADIVLVGNEADIKALAGDLDLSKAKIVDPKTYEKKDEYI
NAFYELRKHKGITLENAAEIMSDYVYFAVMMAKLGEVDGVVSGAAHSSSDTLRPAVQIVKTAKGAALASAFFIISVPDCE
YGSDGTFLFADSGMVEMPSVEDVANIAVISAKTFELLVQDVPKVAMLSYSTKGSAKSKLTEATIASTKLAQELAPDIAID
GELQVDAAIVPKVAASKAPGSPVAGKANVFIFPDLNCGNIAYKIAQRLAKAEAYGPITQGLAKPINDLSRGCSDEDIVGA
VAITCVQAAAQDK
;
_entity_poly.pdbx_strand_id   C,D
#
loop_
_chem_comp.id
_chem_comp.type
_chem_comp.name
_chem_comp.formula
COA non-polymer 'COENZYME A' 'C21 H36 N7 O16 P3 S'
SO4 non-polymer 'SULFATE ION' 'O4 S -2'
#
# COMPACT_ATOMS: atom_id res chain seq x y z
N VAL A 2 -21.16 9.53 16.01
CA VAL A 2 -20.56 10.90 15.91
C VAL A 2 -19.86 11.22 14.58
N THR A 3 -19.08 10.28 14.04
CA THR A 3 -18.35 10.51 12.79
C THR A 3 -17.38 11.72 12.91
N PHE A 4 -16.13 11.44 12.54
CA PHE A 4 -15.07 12.44 12.33
C PHE A 4 -15.55 13.81 11.86
N LEU A 5 -16.40 13.85 10.85
CA LEU A 5 -16.83 15.14 10.35
C LEU A 5 -17.64 15.97 11.34
N GLU A 6 -18.50 15.32 12.12
CA GLU A 6 -19.29 16.02 13.11
C GLU A 6 -18.44 16.50 14.29
N LYS A 7 -17.56 15.64 14.82
CA LYS A 7 -16.54 16.08 15.79
C LYS A 7 -15.91 17.39 15.30
N ILE A 8 -15.56 17.39 14.01
CA ILE A 8 -14.83 18.50 13.47
C ILE A 8 -15.70 19.76 13.39
N SER A 9 -16.93 19.59 12.90
CA SER A 9 -17.83 20.73 12.78
C SER A 9 -18.11 21.39 14.09
N GLU A 10 -18.28 20.61 15.14
CA GLU A 10 -18.51 21.23 16.41
C GLU A 10 -17.33 22.06 16.82
N ARG A 11 -16.15 21.46 16.92
CA ARG A 11 -14.96 22.21 17.28
C ARG A 11 -14.90 23.49 16.46
N ALA A 12 -15.13 23.38 15.19
CA ALA A 12 -15.16 24.55 14.34
C ALA A 12 -16.04 25.67 14.93
N LYS A 13 -17.24 25.34 15.37
CA LYS A 13 -18.19 26.33 15.86
C LYS A 13 -17.72 27.04 17.13
N LYS A 14 -16.97 26.35 17.98
CA LYS A 14 -16.45 26.98 19.20
C LYS A 14 -15.24 27.86 18.87
N LEU A 15 -14.54 27.53 17.79
CA LEU A 15 -13.41 28.35 17.33
C LEU A 15 -13.97 29.59 16.65
N ASN A 16 -13.11 30.56 16.38
CA ASN A 16 -13.53 31.81 15.75
C ASN A 16 -12.82 32.14 14.44
N LYS A 17 -12.89 31.26 13.47
CA LYS A 17 -12.00 31.45 12.35
C LYS A 17 -12.68 32.09 11.14
N THR A 18 -11.90 32.78 10.32
CA THR A 18 -12.43 33.33 9.08
C THR A 18 -11.84 32.56 7.91
N ILE A 19 -12.69 32.12 6.98
CA ILE A 19 -12.21 31.43 5.79
C ILE A 19 -12.63 32.15 4.53
N ALA A 20 -11.72 32.19 3.55
CA ALA A 20 -11.95 32.87 2.28
C ALA A 20 -12.45 31.85 1.32
N LEU A 21 -13.49 32.22 0.57
CA LEU A 21 -14.01 31.38 -0.51
C LEU A 21 -13.94 32.15 -1.85
N PRO A 22 -12.91 31.92 -2.69
CA PRO A 22 -12.74 32.57 -4.00
C PRO A 22 -13.62 32.08 -5.14
N GLU A 23 -14.27 30.93 -4.98
CA GLU A 23 -15.01 30.39 -6.11
C GLU A 23 -16.41 30.93 -6.08
N THR A 24 -16.51 32.24 -6.12
CA THR A 24 -17.79 32.94 -5.95
C THR A 24 -18.70 32.95 -7.21
N GLU A 25 -18.19 32.49 -8.34
CA GLU A 25 -19.09 32.30 -9.49
C GLU A 25 -19.64 30.88 -9.57
N ASP A 26 -19.34 30.07 -8.56
CA ASP A 26 -19.89 28.75 -8.50
C ASP A 26 -20.99 28.80 -7.47
N ILE A 27 -22.18 28.33 -7.87
CA ILE A 27 -23.32 28.36 -6.97
C ILE A 27 -23.20 27.43 -5.75
N ARG A 28 -22.39 26.39 -5.82
CA ARG A 28 -22.14 25.59 -4.62
C ARG A 28 -21.38 26.36 -3.54
N THR A 29 -20.51 27.29 -3.94
CA THR A 29 -19.71 28.05 -2.96
C THR A 29 -20.64 28.95 -2.15
N LEU A 30 -21.53 29.66 -2.85
CA LEU A 30 -22.54 30.55 -2.24
C LEU A 30 -23.51 29.79 -1.33
N GLN A 31 -24.10 28.73 -1.84
CA GLN A 31 -24.89 27.80 -1.03
C GLN A 31 -24.11 27.34 0.22
N ALA A 32 -22.87 26.88 0.02
CA ALA A 32 -22.02 26.52 1.16
C ALA A 32 -21.84 27.68 2.11
N ALA A 33 -21.50 28.84 1.57
CA ALA A 33 -21.35 30.06 2.36
C ALA A 33 -22.53 30.27 3.36
N ALA A 34 -23.76 30.38 2.85
CA ALA A 34 -24.93 30.64 3.67
C ALA A 34 -25.13 29.57 4.76
N LYS A 35 -25.02 28.30 4.38
CA LYS A 35 -25.02 27.20 5.34
C LYS A 35 -24.01 27.38 6.47
N ILE A 36 -22.79 27.78 6.11
CA ILE A 36 -21.71 27.98 7.08
C ILE A 36 -22.02 29.13 8.02
N LEU A 37 -22.63 30.18 7.50
CA LEU A 37 -22.97 31.33 8.35
C LEU A 37 -24.15 30.98 9.20
N GLU A 38 -25.22 30.48 8.60
CA GLU A 38 -26.39 30.06 9.37
C GLU A 38 -25.97 29.18 10.55
N ARG A 39 -24.99 28.28 10.35
CA ARG A 39 -24.63 27.32 11.40
C ARG A 39 -23.63 27.83 12.42
N GLY A 40 -22.96 28.94 12.15
CA GLY A 40 -21.86 29.38 12.97
C GLY A 40 -20.55 28.60 12.79
N ILE A 41 -20.33 27.96 11.63
CA ILE A 41 -19.08 27.16 11.44
C ILE A 41 -17.84 28.02 11.33
N ALA A 42 -17.95 29.19 10.69
CA ALA A 42 -16.81 30.11 10.45
C ALA A 42 -17.31 31.47 9.97
N ASP A 43 -16.49 32.51 10.06
CA ASP A 43 -16.79 33.74 9.33
C ASP A 43 -16.34 33.57 7.89
N ILE A 44 -16.98 34.28 6.95
CA ILE A 44 -16.61 34.11 5.55
C ILE A 44 -16.21 35.41 4.87
N VAL A 45 -15.07 35.36 4.18
CA VAL A 45 -14.80 36.37 3.17
C VAL A 45 -15.05 35.73 1.83
N LEU A 46 -16.04 36.26 1.12
CA LEU A 46 -16.25 35.86 -0.26
C LEU A 46 -15.40 36.77 -1.12
N VAL A 47 -14.50 36.19 -1.89
CA VAL A 47 -13.67 36.98 -2.81
C VAL A 47 -14.30 36.96 -4.20
N GLY A 48 -14.70 38.13 -4.66
CA GLY A 48 -15.32 38.25 -5.97
C GLY A 48 -15.99 39.59 -6.14
N ASN A 49 -17.00 39.61 -7.02
CA ASN A 49 -17.58 40.82 -7.49
C ASN A 49 -18.91 40.99 -6.80
N GLU A 50 -19.08 42.08 -6.03
CA GLU A 50 -20.28 42.23 -5.21
C GLU A 50 -21.60 42.18 -6.03
N ALA A 51 -21.60 42.82 -7.19
CA ALA A 51 -22.71 42.68 -8.13
C ALA A 51 -22.98 41.25 -8.56
N ASP A 52 -21.95 40.46 -8.87
CA ASP A 52 -22.17 39.10 -9.38
C ASP A 52 -22.70 38.18 -8.28
N ILE A 53 -22.06 38.22 -7.11
CA ILE A 53 -22.57 37.44 -5.98
C ILE A 53 -24.03 37.82 -5.71
N LYS A 54 -24.30 39.11 -5.56
CA LYS A 54 -25.66 39.55 -5.30
C LYS A 54 -26.62 38.99 -6.33
N ALA A 55 -26.17 38.97 -7.59
CA ALA A 55 -27.03 38.53 -8.73
C ALA A 55 -27.17 37.01 -8.77
N LEU A 56 -26.12 36.33 -8.35
CA LEU A 56 -26.11 34.88 -8.29
C LEU A 56 -26.88 34.30 -7.10
N ALA A 57 -26.85 34.99 -5.96
CA ALA A 57 -27.26 34.37 -4.69
C ALA A 57 -28.77 34.28 -4.56
N GLY A 58 -29.46 35.32 -4.99
CA GLY A 58 -30.92 35.34 -4.98
C GLY A 58 -31.39 35.10 -3.56
N ASP A 59 -31.86 33.88 -3.29
CA ASP A 59 -32.53 33.58 -2.03
C ASP A 59 -31.60 33.16 -0.88
N LEU A 60 -30.31 33.49 -0.97
CA LEU A 60 -29.35 33.06 0.03
C LEU A 60 -28.97 34.17 1.01
N ASP A 61 -29.01 33.88 2.31
CA ASP A 61 -28.63 34.91 3.29
C ASP A 61 -27.13 34.97 3.45
N LEU A 62 -26.51 35.79 2.61
CA LEU A 62 -25.07 35.98 2.59
C LEU A 62 -24.64 37.28 3.24
N SER A 63 -25.57 37.89 3.98
CA SER A 63 -25.33 39.18 4.59
C SER A 63 -24.32 39.16 5.72
N LYS A 64 -24.02 37.99 6.29
CA LYS A 64 -23.02 37.94 7.36
C LYS A 64 -21.61 37.93 6.78
N ALA A 65 -21.50 37.53 5.52
CA ALA A 65 -20.22 37.46 4.81
C ALA A 65 -19.68 38.83 4.48
N LYS A 66 -18.37 38.94 4.37
CA LYS A 66 -17.77 40.16 3.83
C LYS A 66 -17.37 39.85 2.41
N ILE A 67 -17.72 40.72 1.48
CA ILE A 67 -17.32 40.50 0.11
C ILE A 67 -16.11 41.38 -0.22
N VAL A 68 -15.06 40.75 -0.72
CA VAL A 68 -13.86 41.48 -1.13
C VAL A 68 -13.56 41.35 -2.63
N ASP A 69 -13.58 42.49 -3.33
CA ASP A 69 -13.28 42.51 -4.76
C ASP A 69 -11.81 42.81 -5.07
N PRO A 70 -11.08 41.83 -5.63
CA PRO A 70 -9.65 41.98 -5.86
C PRO A 70 -9.31 43.19 -6.69
N LYS A 71 -10.27 43.73 -7.43
CA LYS A 71 -9.91 44.79 -8.32
C LYS A 71 -10.26 46.15 -7.76
N THR A 72 -11.03 46.15 -6.65
CA THR A 72 -11.38 47.39 -5.90
C THR A 72 -11.03 47.42 -4.39
N TYR A 73 -10.53 46.32 -3.84
CA TYR A 73 -10.20 46.24 -2.39
C TYR A 73 -9.19 47.26 -1.90
N GLU A 74 -9.44 47.82 -0.71
CA GLU A 74 -8.56 48.81 -0.06
C GLU A 74 -7.08 48.41 -0.19
N LYS A 75 -6.80 47.16 0.15
CA LYS A 75 -5.44 46.65 0.24
C LYS A 75 -4.87 46.09 -1.06
N LYS A 76 -5.61 46.20 -2.16
CA LYS A 76 -5.19 45.61 -3.44
C LYS A 76 -3.69 45.78 -3.74
N ASP A 77 -3.24 47.03 -3.75
CA ASP A 77 -1.90 47.35 -4.23
C ASP A 77 -0.77 46.86 -3.35
N GLU A 78 -1.10 46.52 -2.11
CA GLU A 78 -0.13 45.97 -1.17
C GLU A 78 -0.04 44.45 -1.34
N TYR A 79 -1.16 43.83 -1.69
CA TYR A 79 -1.16 42.42 -2.10
C TYR A 79 -0.32 42.19 -3.34
N ILE A 80 -0.40 43.11 -4.31
CA ILE A 80 0.36 43.01 -5.55
C ILE A 80 1.86 43.14 -5.30
N ASN A 81 2.28 44.10 -4.43
CA ASN A 81 3.70 44.24 -4.05
C ASN A 81 4.18 42.95 -3.41
N ALA A 82 3.39 42.47 -2.46
CA ALA A 82 3.63 41.25 -1.77
C ALA A 82 3.93 40.12 -2.77
N PHE A 83 2.98 39.86 -3.70
CA PHE A 83 3.27 38.93 -4.77
C PHE A 83 4.54 39.28 -5.54
N TYR A 84 4.77 40.56 -5.83
CA TYR A 84 5.97 40.95 -6.57
C TYR A 84 7.26 40.54 -5.84
N GLU A 85 7.30 40.80 -4.53
CA GLU A 85 8.44 40.49 -3.71
C GLU A 85 8.73 38.99 -3.72
N LEU A 86 7.65 38.20 -3.60
CA LEU A 86 7.75 36.76 -3.62
C LEU A 86 8.28 36.22 -4.94
N ARG A 87 7.82 36.75 -6.05
CA ARG A 87 8.16 36.16 -7.34
C ARG A 87 9.16 36.94 -8.20
N LYS A 88 9.53 38.15 -7.77
CA LYS A 88 10.56 38.97 -8.45
C LYS A 88 11.62 38.16 -9.21
N HIS A 89 12.19 37.19 -8.51
CA HIS A 89 13.36 36.47 -8.95
C HIS A 89 13.00 35.20 -9.71
N LYS A 90 11.70 34.93 -9.83
CA LYS A 90 11.23 33.80 -10.64
C LYS A 90 10.43 34.34 -11.81
N GLY A 91 11.06 35.24 -12.55
CA GLY A 91 10.54 35.72 -13.83
C GLY A 91 9.45 36.79 -13.79
N ILE A 92 8.62 36.78 -12.76
CA ILE A 92 7.46 37.70 -12.68
C ILE A 92 7.87 39.19 -12.70
N THR A 93 7.22 39.96 -13.55
CA THR A 93 7.43 41.40 -13.56
C THR A 93 6.31 42.02 -12.77
N LEU A 94 6.48 43.27 -12.35
CA LEU A 94 5.46 43.95 -11.57
C LEU A 94 4.16 43.97 -12.35
N GLU A 95 4.26 44.27 -13.64
CA GLU A 95 3.12 44.12 -14.54
C GLU A 95 2.53 42.73 -14.38
N ASN A 96 3.31 41.68 -14.66
CA ASN A 96 2.80 40.29 -14.53
C ASN A 96 2.08 40.04 -13.20
N ALA A 97 2.60 40.62 -12.12
CA ALA A 97 2.05 40.41 -10.78
C ALA A 97 0.62 40.89 -10.76
N ALA A 98 0.43 42.17 -11.02
CA ALA A 98 -0.90 42.77 -11.09
C ALA A 98 -1.92 41.93 -11.81
N GLU A 99 -1.55 41.26 -12.90
CA GLU A 99 -2.53 40.46 -13.66
C GLU A 99 -2.84 39.12 -13.03
N ILE A 100 -1.79 38.43 -12.56
CA ILE A 100 -1.91 37.19 -11.82
C ILE A 100 -2.80 37.42 -10.59
N MET A 101 -2.55 38.54 -9.92
CA MET A 101 -3.16 38.79 -8.62
C MET A 101 -4.59 39.29 -8.71
N SER A 102 -5.15 39.37 -9.91
CA SER A 102 -6.58 39.71 -10.05
C SER A 102 -7.42 38.45 -10.00
N ASP A 103 -6.73 37.32 -10.04
CA ASP A 103 -7.34 36.04 -9.88
C ASP A 103 -7.90 35.91 -8.46
N TYR A 104 -9.19 35.74 -8.36
CA TYR A 104 -9.84 35.55 -7.07
C TYR A 104 -9.04 34.62 -6.19
N VAL A 105 -8.68 33.43 -6.70
CA VAL A 105 -7.94 32.47 -5.84
C VAL A 105 -6.54 32.95 -5.44
N TYR A 106 -5.77 33.52 -6.35
CA TYR A 106 -4.53 34.17 -5.86
C TYR A 106 -4.84 35.19 -4.73
N PHE A 107 -5.88 36.01 -4.87
CA PHE A 107 -6.18 37.02 -3.88
C PHE A 107 -6.49 36.41 -2.55
N ALA A 108 -7.25 35.32 -2.55
CA ALA A 108 -7.66 34.76 -1.29
C ALA A 108 -6.47 34.16 -0.53
N VAL A 109 -5.56 33.52 -1.25
CA VAL A 109 -4.36 33.00 -0.63
C VAL A 109 -3.50 34.10 0.00
N MET A 110 -3.40 35.24 -0.68
CA MET A 110 -2.66 36.39 -0.13
C MET A 110 -3.32 36.93 1.16
N MET A 111 -4.65 36.97 1.17
CA MET A 111 -5.41 37.34 2.38
C MET A 111 -5.01 36.52 3.60
N ALA A 112 -4.77 35.23 3.37
CA ALA A 112 -4.46 34.34 4.44
C ALA A 112 -3.04 34.64 4.82
N LYS A 113 -2.19 34.84 3.80
CA LYS A 113 -0.81 35.11 4.08
C LYS A 113 -0.67 36.36 4.94
N LEU A 114 -1.42 37.41 4.58
CA LEU A 114 -1.26 38.74 5.19
C LEU A 114 -2.13 38.95 6.43
N GLY A 115 -2.85 37.90 6.81
CA GLY A 115 -3.49 37.81 8.14
C GLY A 115 -4.96 38.18 8.18
N GLU A 116 -5.59 38.39 7.03
CA GLU A 116 -6.98 38.85 6.97
C GLU A 116 -7.98 37.69 6.95
N VAL A 117 -7.43 36.52 6.66
CA VAL A 117 -8.18 35.29 6.63
C VAL A 117 -7.33 34.20 7.34
N ASP A 118 -7.98 33.25 8.01
CA ASP A 118 -7.25 32.19 8.69
C ASP A 118 -6.91 31.04 7.75
N GLY A 119 -7.65 30.89 6.64
CA GLY A 119 -7.38 29.83 5.69
C GLY A 119 -8.18 30.04 4.42
N VAL A 120 -8.14 29.07 3.51
CA VAL A 120 -8.84 29.21 2.24
C VAL A 120 -9.27 27.82 1.79
N VAL A 121 -10.48 27.71 1.24
CA VAL A 121 -10.94 26.52 0.57
C VAL A 121 -11.37 26.86 -0.87
N SER A 122 -10.89 26.12 -1.86
CA SER A 122 -11.21 26.36 -3.25
C SER A 122 -11.13 24.98 -3.85
N GLY A 123 -11.30 24.83 -5.15
CA GLY A 123 -11.11 23.54 -5.79
C GLY A 123 -12.37 23.02 -6.46
N ALA A 124 -13.50 23.69 -6.25
CA ALA A 124 -14.79 23.18 -6.73
C ALA A 124 -14.93 23.37 -8.21
N ALA A 125 -14.14 24.29 -8.78
CA ALA A 125 -14.34 24.79 -10.15
C ALA A 125 -12.97 25.04 -10.79
N HIS A 126 -11.93 24.54 -10.13
CA HIS A 126 -10.56 24.59 -10.63
C HIS A 126 -9.90 23.22 -10.45
N SER A 127 -8.80 22.97 -11.15
CA SER A 127 -8.05 21.74 -10.99
C SER A 127 -7.17 21.82 -9.71
N SER A 128 -6.67 20.68 -9.23
CA SER A 128 -5.94 20.69 -7.94
C SER A 128 -4.64 21.44 -8.10
N SER A 129 -3.98 21.22 -9.23
CA SER A 129 -2.78 21.98 -9.53
C SER A 129 -3.03 23.48 -9.53
N ASP A 130 -4.13 23.92 -10.15
CA ASP A 130 -4.40 25.33 -10.14
C ASP A 130 -4.62 25.87 -8.74
N THR A 131 -5.17 25.06 -7.83
CA THR A 131 -5.44 25.46 -6.42
C THR A 131 -4.18 25.47 -5.55
N LEU A 132 -3.30 24.53 -5.83
CA LEU A 132 -2.15 24.29 -5.00
C LEU A 132 -0.96 25.18 -5.40
N ARG A 133 -0.99 25.71 -6.61
CA ARG A 133 0.07 26.61 -7.07
C ARG A 133 0.12 27.92 -6.28
N PRO A 134 -0.97 28.70 -6.23
CA PRO A 134 -0.85 29.85 -5.33
C PRO A 134 -0.56 29.50 -3.89
N ALA A 135 -1.10 28.38 -3.40
CA ALA A 135 -0.90 28.02 -2.02
C ALA A 135 0.57 27.94 -1.73
N VAL A 136 1.25 27.20 -2.58
CA VAL A 136 2.65 26.85 -2.39
C VAL A 136 3.58 28.02 -2.80
N GLN A 137 3.05 28.97 -3.58
CA GLN A 137 3.83 30.10 -4.04
C GLN A 137 3.68 31.28 -3.12
N ILE A 138 2.47 31.48 -2.60
CA ILE A 138 2.20 32.63 -1.78
C ILE A 138 2.39 32.28 -0.31
N VAL A 139 1.57 31.39 0.18
CA VAL A 139 1.55 31.06 1.57
C VAL A 139 2.76 30.18 1.87
N LYS A 140 3.22 29.41 0.89
CA LYS A 140 4.49 28.68 1.02
C LYS A 140 4.38 27.84 2.25
N THR A 141 5.50 27.33 2.75
CA THR A 141 5.42 26.28 3.76
C THR A 141 5.75 26.76 5.14
N ALA A 142 5.27 25.97 6.16
CA ALA A 142 5.48 26.44 7.54
C ALA A 142 6.92 26.14 7.96
N LYS A 143 7.69 27.22 8.09
CA LYS A 143 8.96 27.22 8.89
C LYS A 143 10.07 26.25 8.38
N GLY A 144 9.96 25.79 7.09
CA GLY A 144 10.95 24.86 6.55
C GLY A 144 10.69 23.42 6.98
N ALA A 145 9.54 22.92 6.56
CA ALA A 145 9.38 21.50 6.31
C ALA A 145 9.76 21.47 4.86
N ALA A 146 10.69 20.62 4.47
CA ALA A 146 11.00 20.57 3.05
C ALA A 146 9.75 20.98 2.19
N LEU A 147 8.52 20.54 2.57
CA LEU A 147 7.30 20.60 1.71
C LEU A 147 5.86 20.39 2.28
N ALA A 148 4.90 20.95 1.58
CA ALA A 148 3.49 20.60 1.71
C ALA A 148 3.17 19.19 1.18
N SER A 149 2.33 18.43 1.89
CA SER A 149 1.88 17.13 1.43
C SER A 149 0.35 16.88 1.61
N ALA A 150 -0.17 15.80 1.03
CA ALA A 150 -1.61 15.50 1.13
C ALA A 150 -1.77 14.28 1.96
N PHE A 151 -2.75 14.32 2.83
CA PHE A 151 -3.04 13.18 3.67
C PHE A 151 -4.52 12.83 3.59
N PHE A 152 -4.85 11.65 4.11
CA PHE A 152 -6.22 11.26 4.38
C PHE A 152 -6.39 10.96 5.89
N ILE A 153 -7.56 11.27 6.41
CA ILE A 153 -8.03 10.67 7.64
C ILE A 153 -8.87 9.47 7.23
N ILE A 154 -8.55 8.29 7.77
CA ILE A 154 -9.28 7.06 7.43
C ILE A 154 -10.06 6.52 8.63
N SER A 155 -11.36 6.24 8.47
CA SER A 155 -12.11 5.45 9.48
C SER A 155 -12.47 4.08 8.95
N VAL A 156 -11.86 3.03 9.50
CA VAL A 156 -12.27 1.66 9.22
C VAL A 156 -13.44 1.29 10.17
N PRO A 157 -14.52 0.68 9.64
CA PRO A 157 -15.73 0.29 10.39
C PRO A 157 -15.56 -0.50 11.69
N ASP A 158 -15.27 -1.79 11.58
CA ASP A 158 -15.27 -2.64 12.80
C ASP A 158 -13.85 -2.92 13.21
N CYS A 159 -13.11 -1.84 13.44
CA CYS A 159 -11.68 -1.92 13.60
C CYS A 159 -11.24 -1.66 15.03
N GLU A 160 -10.40 -2.56 15.55
CA GLU A 160 -9.77 -2.35 16.86
C GLU A 160 -8.50 -1.52 16.72
N TYR A 161 -7.92 -1.58 15.52
CA TYR A 161 -6.59 -1.00 15.29
C TYR A 161 -6.65 0.50 15.27
N GLY A 162 -5.49 1.15 15.34
CA GLY A 162 -5.41 2.59 15.28
C GLY A 162 -6.08 3.26 16.46
N SER A 163 -6.74 4.36 16.22
CA SER A 163 -7.40 5.07 17.26
C SER A 163 -8.85 4.96 16.89
N ASP A 164 -9.47 3.90 17.41
CA ASP A 164 -10.84 3.56 17.08
C ASP A 164 -11.05 3.35 15.58
N GLY A 165 -10.11 2.67 14.93
CA GLY A 165 -10.18 2.42 13.47
C GLY A 165 -10.04 3.68 12.62
N THR A 166 -9.62 4.79 13.26
CA THR A 166 -9.25 5.98 12.53
C THR A 166 -7.73 6.07 12.36
N PHE A 167 -7.30 6.57 11.19
CA PHE A 167 -5.89 6.67 10.81
C PHE A 167 -5.63 7.93 9.99
N LEU A 168 -4.38 8.36 9.96
CA LEU A 168 -3.97 9.37 9.04
C LEU A 168 -3.03 8.67 8.04
N PHE A 169 -3.32 8.81 6.76
CA PHE A 169 -2.46 8.28 5.71
C PHE A 169 -1.71 9.42 5.03
N ALA A 170 -0.38 9.34 5.03
CA ALA A 170 0.40 10.30 4.22
C ALA A 170 1.66 9.72 3.59
N ASP A 171 2.07 10.19 2.40
CA ASP A 171 1.30 11.07 1.53
C ASP A 171 0.59 10.22 0.46
N SER A 172 -0.74 10.38 0.38
CA SER A 172 -1.53 9.52 -0.50
C SER A 172 -2.19 10.29 -1.58
N GLY A 173 -1.73 11.50 -1.87
CA GLY A 173 -2.40 12.24 -2.92
C GLY A 173 -1.70 13.35 -3.66
N MET A 174 -0.48 13.68 -3.26
CA MET A 174 0.23 14.82 -3.83
C MET A 174 1.69 14.56 -4.15
N VAL A 175 2.58 14.49 -3.16
CA VAL A 175 4.01 14.35 -3.47
C VAL A 175 4.27 12.97 -4.02
N GLU A 176 4.89 12.89 -5.19
CA GLU A 176 4.93 11.63 -5.96
C GLU A 176 6.07 10.74 -5.55
N MET A 177 7.27 11.30 -5.55
CA MET A 177 8.49 10.58 -5.18
C MET A 177 9.23 11.31 -4.08
N PRO A 178 8.66 11.36 -2.90
CA PRO A 178 9.33 12.16 -1.89
C PRO A 178 10.77 11.67 -1.69
N SER A 179 11.73 12.60 -1.57
CA SER A 179 13.08 12.24 -1.14
C SER A 179 13.10 11.64 0.28
N VAL A 180 14.15 10.90 0.62
CA VAL A 180 14.33 10.47 2.02
C VAL A 180 14.04 11.59 3.06
N GLU A 181 14.55 12.81 2.83
CA GLU A 181 14.27 13.93 3.74
C GLU A 181 12.76 14.22 3.72
N ASP A 182 12.18 14.14 2.53
CA ASP A 182 10.78 14.48 2.39
C ASP A 182 9.97 13.59 3.30
N VAL A 183 10.26 12.30 3.26
CA VAL A 183 9.51 11.31 4.02
C VAL A 183 9.63 11.58 5.50
N ALA A 184 10.82 11.98 5.91
CA ALA A 184 11.08 12.32 7.31
C ALA A 184 10.17 13.47 7.71
N ASN A 185 10.15 14.52 6.90
CA ASN A 185 9.32 15.72 7.14
C ASN A 185 7.83 15.41 7.15
N ILE A 186 7.43 14.53 6.24
CA ILE A 186 6.02 14.16 6.12
C ILE A 186 5.60 13.49 7.44
N ALA A 187 6.48 12.67 8.03
CA ALA A 187 6.19 12.01 9.27
C ALA A 187 5.93 13.00 10.41
N VAL A 188 6.79 14.01 10.54
CA VAL A 188 6.68 14.90 11.65
C VAL A 188 5.38 15.71 11.55
N ILE A 189 5.20 16.32 10.41
CA ILE A 189 4.04 17.14 10.15
C ILE A 189 2.79 16.36 10.26
N SER A 190 2.86 15.08 9.88
CA SER A 190 1.67 14.23 9.93
C SER A 190 1.28 13.95 11.36
N ALA A 191 2.27 13.77 12.21
CA ALA A 191 2.02 13.50 13.59
C ALA A 191 1.29 14.68 14.22
N LYS A 192 1.67 15.90 13.88
CA LYS A 192 1.01 17.08 14.47
C LYS A 192 -0.42 17.20 14.00
N THR A 193 -0.65 16.80 12.74
CA THR A 193 -1.95 16.92 12.09
C THR A 193 -2.89 15.91 12.72
N PHE A 194 -2.39 14.70 12.92
CA PHE A 194 -3.19 13.68 13.51
C PHE A 194 -3.61 14.15 14.90
N GLU A 195 -2.64 14.60 15.67
CA GLU A 195 -2.93 15.04 17.03
C GLU A 195 -4.00 16.11 17.01
N LEU A 196 -3.83 17.10 16.13
CA LEU A 196 -4.77 18.20 16.03
C LEU A 196 -6.18 17.75 15.61
N LEU A 197 -6.30 16.96 14.57
CA LEU A 197 -7.60 16.63 14.02
C LEU A 197 -8.28 15.44 14.70
N VAL A 198 -7.50 14.47 15.17
CA VAL A 198 -8.07 13.25 15.70
C VAL A 198 -8.07 13.32 17.23
N GLN A 199 -7.11 14.08 17.77
CA GLN A 199 -7.14 14.49 19.16
C GLN A 199 -6.78 13.31 20.05
N ASP A 200 -5.61 12.77 19.78
CA ASP A 200 -5.14 11.56 20.37
C ASP A 200 -3.65 11.50 20.04
N VAL A 201 -2.89 10.77 20.85
CA VAL A 201 -1.43 10.73 20.74
C VAL A 201 -1.00 10.10 19.40
N PRO A 202 -0.21 10.83 18.58
CA PRO A 202 0.27 10.24 17.31
C PRO A 202 1.29 9.13 17.54
N LYS A 203 1.14 8.05 16.81
CA LYS A 203 2.13 6.98 16.85
C LYS A 203 2.34 6.55 15.46
N VAL A 204 3.52 6.91 14.94
CA VAL A 204 3.79 7.00 13.49
C VAL A 204 4.59 5.81 12.96
N ALA A 205 4.10 5.20 11.89
CA ALA A 205 4.70 3.97 11.39
C ALA A 205 5.36 4.32 10.09
N MET A 206 6.69 4.14 10.02
CA MET A 206 7.38 4.36 8.73
C MET A 206 7.35 3.01 8.02
N LEU A 207 6.48 2.88 7.02
CA LEU A 207 6.09 1.56 6.48
C LEU A 207 7.06 0.91 5.48
N SER A 208 6.98 -0.39 5.29
CA SER A 208 7.93 -1.12 4.47
C SER A 208 7.40 -2.51 4.29
N TYR A 209 8.10 -3.36 3.56
CA TYR A 209 7.80 -4.78 3.51
C TYR A 209 8.68 -5.50 4.49
N SER A 210 9.42 -4.72 5.27
CA SER A 210 10.42 -5.25 6.14
C SER A 210 10.15 -4.67 7.52
N THR A 211 10.31 -5.51 8.53
CA THR A 211 10.18 -5.02 9.87
C THR A 211 11.56 -4.77 10.48
N LYS A 212 11.99 -5.51 11.46
CA LYS A 212 13.21 -5.02 12.05
C LYS A 212 14.44 -5.56 11.33
N GLY A 213 14.78 -4.88 10.23
CA GLY A 213 15.80 -5.34 9.30
C GLY A 213 15.63 -6.79 8.86
N SER A 214 14.38 -7.27 8.79
CA SER A 214 14.06 -8.62 8.31
C SER A 214 14.48 -8.84 6.85
N ALA A 215 14.69 -7.74 6.14
CA ALA A 215 15.20 -7.75 4.76
C ALA A 215 15.99 -6.47 4.54
N LYS A 216 16.96 -6.54 3.64
CA LYS A 216 17.79 -5.40 3.34
C LYS A 216 17.73 -5.06 1.85
N SER A 217 17.69 -3.75 1.56
CA SER A 217 17.70 -3.23 0.19
C SER A 217 17.70 -1.72 0.22
N LYS A 218 18.00 -1.11 -0.93
CA LYS A 218 17.84 0.32 -1.14
C LYS A 218 16.51 0.87 -0.61
N LEU A 219 15.43 0.11 -0.74
CA LEU A 219 14.12 0.60 -0.27
C LEU A 219 14.09 0.68 1.25
N THR A 220 14.56 -0.39 1.87
CA THR A 220 14.64 -0.51 3.30
C THR A 220 15.61 0.51 3.89
N GLU A 221 16.76 0.68 3.25
CA GLU A 221 17.73 1.70 3.63
C GLU A 221 17.08 3.09 3.62
N ALA A 222 16.25 3.35 2.60
CA ALA A 222 15.56 4.62 2.50
C ALA A 222 14.69 4.80 3.72
N THR A 223 13.78 3.85 3.95
CA THR A 223 12.82 3.95 5.05
C THR A 223 13.52 4.16 6.41
N ILE A 224 14.63 3.47 6.61
CA ILE A 224 15.37 3.55 7.83
C ILE A 224 15.95 4.93 8.00
N ALA A 225 16.56 5.44 6.93
CA ALA A 225 17.13 6.79 6.95
C ALA A 225 16.05 7.87 7.25
N SER A 226 14.86 7.73 6.67
CA SER A 226 13.78 8.66 6.96
C SER A 226 13.30 8.43 8.39
N THR A 227 13.29 7.17 8.82
CA THR A 227 12.93 6.90 10.20
C THR A 227 13.90 7.64 11.12
N LYS A 228 15.18 7.35 10.94
CA LYS A 228 16.28 7.97 11.69
C LYS A 228 16.36 9.48 11.62
N LEU A 229 16.07 10.10 10.47
CA LEU A 229 16.06 11.58 10.42
C LEU A 229 14.87 12.19 11.15
N ALA A 230 13.70 11.57 10.99
CA ALA A 230 12.49 12.03 11.69
C ALA A 230 12.70 12.05 13.21
N GLN A 231 13.35 11.02 13.76
CA GLN A 231 13.54 10.94 15.20
C GLN A 231 14.45 12.08 15.64
N GLU A 232 15.44 12.41 14.81
CA GLU A 232 16.28 13.59 15.02
C GLU A 232 15.45 14.89 14.87
N LEU A 233 14.66 14.99 13.81
CA LEU A 233 13.84 16.19 13.59
C LEU A 233 12.91 16.43 14.76
N ALA A 234 12.29 15.38 15.27
CA ALA A 234 11.34 15.54 16.38
C ALA A 234 11.36 14.41 17.41
N PRO A 235 12.33 14.46 18.35
CA PRO A 235 12.56 13.40 19.31
C PRO A 235 11.39 13.03 20.22
N ASP A 236 10.47 13.95 20.55
CA ASP A 236 9.42 13.66 21.56
C ASP A 236 8.20 12.95 20.96
N ILE A 237 8.20 12.81 19.64
CA ILE A 237 7.11 12.13 18.94
C ILE A 237 7.50 10.66 18.80
N ALA A 238 6.53 9.76 18.89
CA ALA A 238 6.79 8.33 18.72
C ALA A 238 6.88 7.96 17.21
N ILE A 239 8.09 7.65 16.73
CA ILE A 239 8.31 7.33 15.30
C ILE A 239 9.11 6.04 15.19
N ASP A 240 8.64 5.06 14.42
CA ASP A 240 9.43 3.83 14.43
C ASP A 240 9.85 3.26 13.09
N GLY A 241 10.88 2.39 13.25
CA GLY A 241 11.96 1.89 12.36
C GLY A 241 11.44 1.76 11.02
N GLU A 242 11.75 0.67 10.32
CA GLU A 242 10.95 0.33 9.14
C GLU A 242 9.91 -0.70 9.61
N LEU A 243 8.63 -0.43 9.36
CA LEU A 243 7.56 -1.34 9.82
C LEU A 243 6.58 -1.78 8.73
N GLN A 244 6.37 -3.09 8.66
CA GLN A 244 5.21 -3.67 7.98
C GLN A 244 3.90 -3.20 8.57
N VAL A 245 2.80 -3.30 7.82
CA VAL A 245 1.52 -2.91 8.38
C VAL A 245 1.13 -3.82 9.56
N ASP A 246 1.33 -5.12 9.41
CA ASP A 246 0.96 -6.03 10.48
C ASP A 246 1.71 -5.77 11.83
N ALA A 247 3.02 -5.55 11.74
CA ALA A 247 3.83 -5.22 12.88
C ALA A 247 3.33 -3.91 13.48
N ALA A 248 2.92 -2.96 12.62
CA ALA A 248 2.49 -1.62 13.06
C ALA A 248 1.15 -1.50 13.84
N ILE A 249 0.11 -2.25 13.47
CA ILE A 249 -1.23 -2.03 14.06
C ILE A 249 -1.76 -3.17 14.97
N VAL A 250 -1.16 -4.35 14.86
CA VAL A 250 -1.69 -5.55 15.50
C VAL A 250 -0.74 -5.96 16.60
N PRO A 251 -1.20 -5.90 17.87
CA PRO A 251 -0.26 -5.96 18.98
C PRO A 251 0.37 -7.31 19.07
N LYS A 252 -0.36 -8.33 18.63
CA LYS A 252 0.14 -9.72 18.67
C LYS A 252 1.28 -9.98 17.67
N VAL A 253 1.26 -9.25 16.55
CA VAL A 253 2.33 -9.30 15.56
C VAL A 253 3.50 -8.40 15.98
N ALA A 254 3.18 -7.22 16.49
CA ALA A 254 4.18 -6.39 17.15
C ALA A 254 4.84 -7.16 18.29
N ALA A 255 4.13 -8.13 18.88
CA ALA A 255 4.70 -8.90 19.94
C ALA A 255 5.79 -9.83 19.41
N SER A 256 5.76 -10.09 18.10
CA SER A 256 6.70 -10.99 17.45
C SER A 256 7.85 -10.25 16.77
N LYS A 257 7.50 -9.31 15.90
CA LYS A 257 8.44 -8.73 14.93
C LYS A 257 9.17 -7.49 15.42
N ALA A 258 8.53 -6.75 16.32
CA ALA A 258 9.11 -5.50 16.85
C ALA A 258 8.74 -5.29 18.32
N PRO A 259 9.34 -6.08 19.22
CA PRO A 259 9.02 -5.95 20.65
C PRO A 259 9.51 -4.64 21.32
N GLY A 260 8.68 -4.04 22.15
CA GLY A 260 9.04 -2.83 22.88
C GLY A 260 9.17 -1.56 22.04
N SER A 261 8.56 -1.56 20.86
CA SER A 261 8.57 -0.44 19.96
C SER A 261 7.72 0.68 20.57
N PRO A 262 8.07 1.94 20.31
CA PRO A 262 7.12 2.94 20.74
C PRO A 262 5.84 2.86 19.90
N VAL A 263 5.99 2.67 18.58
CA VAL A 263 4.87 2.66 17.66
C VAL A 263 4.18 1.28 17.49
N ALA A 264 4.96 0.25 17.19
CA ALA A 264 4.37 -1.06 16.79
C ALA A 264 3.31 -1.62 17.74
N GLY A 265 2.22 -2.09 17.16
CA GLY A 265 1.11 -2.62 17.92
C GLY A 265 0.02 -1.57 18.05
N LYS A 266 0.41 -0.30 18.16
CA LYS A 266 -0.57 0.78 18.31
C LYS A 266 -0.54 1.89 17.25
N ALA A 267 0.20 1.70 16.14
CA ALA A 267 0.29 2.76 15.11
C ALA A 267 -1.07 3.35 14.76
N ASN A 268 -1.10 4.63 14.40
CA ASN A 268 -2.31 5.27 13.91
C ASN A 268 -1.98 6.30 12.84
N VAL A 269 -0.69 6.45 12.56
CA VAL A 269 -0.26 7.28 11.46
C VAL A 269 0.60 6.46 10.50
N PHE A 270 0.19 6.37 9.23
CA PHE A 270 0.92 5.62 8.19
C PHE A 270 1.67 6.60 7.25
N ILE A 271 3.01 6.50 7.22
CA ILE A 271 3.82 7.17 6.22
C ILE A 271 4.34 6.18 5.18
N PHE A 272 3.94 6.38 3.93
CA PHE A 272 4.30 5.53 2.79
C PHE A 272 5.59 6.02 2.09
N PRO A 273 6.35 5.10 1.43
CA PRO A 273 7.60 5.48 0.75
C PRO A 273 7.45 6.35 -0.51
N ASP A 274 6.27 6.27 -1.13
CA ASP A 274 5.95 7.01 -2.36
C ASP A 274 4.44 6.93 -2.59
N LEU A 275 4.00 7.49 -3.72
CA LEU A 275 2.61 7.70 -3.94
C LEU A 275 1.89 6.49 -4.58
N ASN A 276 2.62 5.64 -5.33
CA ASN A 276 2.12 4.29 -5.55
C ASN A 276 1.56 3.74 -4.24
N CYS A 277 2.41 3.54 -3.24
CA CYS A 277 1.96 2.92 -1.98
C CYS A 277 0.78 3.64 -1.38
N GLY A 278 0.92 4.97 -1.27
CA GLY A 278 0.01 5.82 -0.50
C GLY A 278 -1.38 5.77 -1.06
N ASN A 279 -1.46 5.83 -2.38
CA ASN A 279 -2.73 5.83 -3.05
C ASN A 279 -3.36 4.43 -3.07
N ILE A 280 -2.54 3.45 -3.43
CA ILE A 280 -2.98 2.08 -3.45
C ILE A 280 -3.47 1.69 -2.04
N ALA A 281 -2.74 2.10 -1.00
CA ALA A 281 -3.14 1.74 0.33
C ALA A 281 -4.47 2.41 0.68
N TYR A 282 -4.63 3.69 0.33
CA TYR A 282 -5.78 4.42 0.82
C TYR A 282 -6.99 3.86 0.10
N LYS A 283 -6.77 3.32 -1.08
CA LYS A 283 -7.87 2.88 -1.95
C LYS A 283 -8.31 1.50 -1.60
N ILE A 284 -7.35 0.65 -1.26
CA ILE A 284 -7.67 -0.61 -0.64
C ILE A 284 -8.52 -0.33 0.62
N ALA A 285 -8.04 0.54 1.51
CA ALA A 285 -8.78 0.85 2.77
C ALA A 285 -10.22 1.29 2.48
N GLN A 286 -10.38 2.35 1.70
CA GLN A 286 -11.68 2.84 1.29
C GLN A 286 -12.57 1.80 0.60
N ARG A 287 -12.00 1.00 -0.32
CA ARG A 287 -12.85 0.18 -1.19
C ARG A 287 -13.06 -1.23 -0.72
N LEU A 288 -11.98 -1.86 -0.26
CA LEU A 288 -12.07 -3.20 0.27
C LEU A 288 -12.33 -3.16 1.77
N ALA A 289 -11.81 -2.16 2.49
CA ALA A 289 -12.07 -2.13 3.93
C ALA A 289 -13.39 -1.41 4.25
N LYS A 290 -13.98 -0.77 3.24
CA LYS A 290 -15.17 0.10 3.42
C LYS A 290 -14.90 1.18 4.45
N ALA A 291 -13.63 1.55 4.55
CA ALA A 291 -13.24 2.73 5.27
C ALA A 291 -13.93 3.93 4.64
N GLU A 292 -14.43 4.81 5.50
CA GLU A 292 -14.73 6.20 5.18
C GLU A 292 -13.38 6.94 5.05
N ALA A 293 -13.25 7.79 4.03
CA ALA A 293 -11.99 8.50 3.79
C ALA A 293 -12.24 9.99 3.56
N TYR A 294 -11.46 10.85 4.22
CA TYR A 294 -11.66 12.29 4.14
C TYR A 294 -10.56 13.03 3.37
N GLY A 295 -11.03 13.85 2.41
CA GLY A 295 -10.19 14.64 1.49
C GLY A 295 -9.14 13.82 0.74
N PRO A 296 -8.39 14.46 -0.17
CA PRO A 296 -7.00 14.73 0.17
C PRO A 296 -7.09 16.09 0.89
N ILE A 297 -6.44 16.22 2.04
CA ILE A 297 -6.43 17.48 2.81
C ILE A 297 -4.95 17.86 2.80
N THR A 298 -4.61 19.13 2.78
CA THR A 298 -3.19 19.42 2.65
C THR A 298 -2.63 19.87 4.00
N GLN A 299 -1.33 19.69 4.16
CA GLN A 299 -0.66 20.06 5.38
C GLN A 299 0.75 20.56 5.06
N GLY A 300 1.36 21.21 6.04
CA GLY A 300 2.73 21.65 5.92
C GLY A 300 2.80 23.02 5.30
N LEU A 301 1.67 23.68 5.10
CA LEU A 301 1.70 25.05 4.57
C LEU A 301 1.75 26.02 5.72
N ALA A 302 2.03 27.30 5.44
CA ALA A 302 2.10 28.31 6.52
C ALA A 302 0.71 28.71 7.01
N LYS A 303 -0.30 28.66 6.15
CA LYS A 303 -1.70 28.80 6.56
C LYS A 303 -2.46 27.76 5.80
N PRO A 304 -3.53 27.20 6.39
CA PRO A 304 -4.30 26.16 5.69
C PRO A 304 -4.92 26.62 4.41
N ILE A 305 -4.65 25.84 3.36
CA ILE A 305 -5.28 25.96 2.10
C ILE A 305 -5.73 24.58 1.64
N ASN A 306 -7.01 24.46 1.24
CA ASN A 306 -7.56 23.18 0.83
C ASN A 306 -8.25 23.18 -0.51
N ASP A 307 -7.96 22.11 -1.24
CA ASP A 307 -8.54 21.83 -2.53
C ASP A 307 -9.71 20.84 -2.46
N LEU A 308 -10.79 21.14 -3.14
CA LEU A 308 -11.96 20.26 -3.17
C LEU A 308 -11.91 19.40 -4.42
N SER A 309 -12.72 18.36 -4.45
CA SER A 309 -13.01 17.68 -5.66
C SER A 309 -13.98 18.56 -6.44
N ARG A 310 -13.90 18.44 -7.75
CA ARG A 310 -14.67 19.28 -8.64
C ARG A 310 -16.12 18.84 -8.76
N GLY A 311 -16.42 17.65 -8.23
CA GLY A 311 -17.78 17.14 -8.18
C GLY A 311 -18.31 17.06 -6.75
N CYS A 312 -17.74 17.87 -5.88
CA CYS A 312 -18.22 18.04 -4.52
C CYS A 312 -19.58 18.68 -4.51
N SER A 313 -20.25 18.53 -3.37
CA SER A 313 -21.54 19.17 -3.08
C SER A 313 -21.28 20.43 -2.25
N ASP A 314 -22.33 21.23 -2.06
CA ASP A 314 -22.24 22.45 -1.28
C ASP A 314 -21.97 22.06 0.16
N GLU A 315 -22.44 20.87 0.54
CA GLU A 315 -22.18 20.31 1.87
C GLU A 315 -20.76 19.80 2.05
N ASP A 316 -20.14 19.25 0.99
CA ASP A 316 -18.74 18.82 1.11
C ASP A 316 -17.88 20.03 1.39
N ILE A 317 -18.31 21.17 0.88
CA ILE A 317 -17.58 22.42 1.04
C ILE A 317 -17.65 22.86 2.51
N VAL A 318 -18.88 22.89 3.06
CA VAL A 318 -19.11 23.11 4.49
C VAL A 318 -18.09 22.32 5.33
N GLY A 319 -17.88 21.06 4.99
CA GLY A 319 -16.99 20.20 5.75
C GLY A 319 -15.54 20.55 5.54
N ALA A 320 -15.16 20.80 4.28
CA ALA A 320 -13.79 21.24 3.99
C ALA A 320 -13.52 22.55 4.73
N VAL A 321 -14.52 23.41 4.78
CA VAL A 321 -14.36 24.66 5.54
C VAL A 321 -14.15 24.36 7.03
N ALA A 322 -14.87 23.37 7.60
CA ALA A 322 -14.69 23.05 9.03
C ALA A 322 -13.33 22.36 9.34
N ILE A 323 -12.86 21.45 8.48
CA ILE A 323 -11.49 20.93 8.61
C ILE A 323 -10.47 22.06 8.69
N THR A 324 -10.56 22.97 7.70
CA THR A 324 -9.64 24.11 7.53
C THR A 324 -9.61 25.04 8.77
N CYS A 325 -10.75 25.20 9.44
CA CYS A 325 -10.73 26.03 10.63
C CYS A 325 -9.92 25.35 11.74
N VAL A 326 -10.04 24.05 11.85
CA VAL A 326 -9.38 23.37 12.95
C VAL A 326 -7.89 23.31 12.57
N GLN A 327 -7.60 23.02 11.31
CA GLN A 327 -6.19 23.16 10.88
C GLN A 327 -5.56 24.48 11.32
N ALA A 328 -6.32 25.56 11.15
CA ALA A 328 -5.98 26.93 11.57
C ALA A 328 -5.81 27.16 13.10
N ALA A 329 -6.28 26.20 13.89
CA ALA A 329 -6.10 26.26 15.34
C ALA A 329 -4.63 26.04 15.77
N ALA A 330 -3.83 25.47 14.86
CA ALA A 330 -2.39 25.19 15.13
C ALA A 330 -1.58 26.45 15.24
N GLN A 331 -2.10 27.49 14.59
CA GLN A 331 -1.56 28.81 14.56
C GLN A 331 -1.80 29.44 15.91
N ASP A 332 -1.92 30.76 15.85
CA ASP A 332 -2.68 31.54 16.81
C ASP A 332 -1.77 32.55 17.50
N LYS A 333 -2.43 33.61 17.99
CA LYS A 333 -1.82 34.76 18.64
C LYS A 333 -1.05 35.65 17.65
N VAL B 2 -17.55 -20.88 1.12
CA VAL B 2 -16.44 -21.86 1.36
C VAL B 2 -15.02 -21.29 1.18
N THR B 3 -14.12 -21.80 2.01
CA THR B 3 -12.70 -21.42 2.04
C THR B 3 -11.94 -21.85 0.77
N PHE B 4 -11.12 -20.93 0.26
CA PHE B 4 -10.17 -21.20 -0.83
C PHE B 4 -9.29 -22.42 -0.51
N LEU B 5 -8.86 -22.52 0.75
CA LEU B 5 -7.96 -23.57 1.20
C LEU B 5 -8.68 -24.89 1.38
N GLU B 6 -9.96 -24.83 1.76
CA GLU B 6 -10.79 -26.02 1.82
C GLU B 6 -11.05 -26.53 0.40
N LYS B 7 -11.41 -25.61 -0.49
CA LYS B 7 -11.58 -25.94 -1.91
C LYS B 7 -10.32 -26.65 -2.39
N ILE B 8 -9.19 -25.95 -2.28
CA ILE B 8 -7.87 -26.46 -2.69
C ILE B 8 -7.48 -27.82 -2.13
N SER B 9 -7.51 -27.95 -0.80
CA SER B 9 -7.11 -29.21 -0.14
C SER B 9 -7.94 -30.41 -0.58
N GLU B 10 -9.18 -30.15 -0.97
CA GLU B 10 -10.08 -31.17 -1.49
C GLU B 10 -9.65 -31.57 -2.90
N ARG B 11 -9.44 -30.57 -3.75
CA ARG B 11 -8.86 -30.77 -5.08
C ARG B 11 -7.51 -31.49 -4.99
N ALA B 12 -6.77 -31.16 -3.94
CA ALA B 12 -5.42 -31.70 -3.69
C ALA B 12 -5.44 -33.15 -3.26
N LYS B 13 -6.57 -33.61 -2.73
CA LYS B 13 -6.75 -35.02 -2.37
C LYS B 13 -6.93 -35.90 -3.61
N LYS B 14 -7.62 -35.37 -4.63
CA LYS B 14 -7.86 -36.07 -5.90
C LYS B 14 -6.54 -36.56 -6.53
N LEU B 15 -5.51 -35.71 -6.44
CA LEU B 15 -4.17 -35.96 -6.99
C LEU B 15 -3.36 -36.96 -6.15
N ASN B 16 -2.20 -37.36 -6.69
CA ASN B 16 -1.21 -38.18 -5.98
C ASN B 16 0.18 -37.59 -6.19
N LYS B 17 0.71 -37.01 -5.13
CA LYS B 17 1.94 -36.21 -5.21
C LYS B 17 2.73 -36.40 -3.94
N THR B 18 4.05 -36.32 -4.03
CA THR B 18 4.93 -36.51 -2.88
C THR B 18 5.66 -35.21 -2.51
N ILE B 19 5.53 -34.80 -1.24
CA ILE B 19 6.05 -33.53 -0.75
C ILE B 19 7.17 -33.72 0.27
N ALA B 20 8.37 -33.25 -0.05
CA ALA B 20 9.54 -33.49 0.79
C ALA B 20 9.77 -32.38 1.83
N LEU B 21 9.32 -32.61 3.06
CA LEU B 21 9.51 -31.64 4.14
C LEU B 21 10.86 -31.84 4.82
N PRO B 22 11.77 -30.86 4.66
CA PRO B 22 13.12 -30.86 5.22
C PRO B 22 13.27 -30.46 6.70
N GLU B 23 12.37 -29.62 7.21
CA GLU B 23 12.46 -29.13 8.59
C GLU B 23 12.09 -30.21 9.62
N THR B 24 12.92 -31.26 9.69
CA THR B 24 12.62 -32.47 10.46
C THR B 24 13.21 -32.46 11.88
N GLU B 25 13.56 -31.27 12.34
CA GLU B 25 14.01 -31.06 13.71
C GLU B 25 13.00 -30.18 14.46
N ASP B 26 12.05 -29.62 13.70
CA ASP B 26 10.94 -28.83 14.26
C ASP B 26 9.66 -29.67 14.31
N ILE B 27 9.00 -29.63 15.48
CA ILE B 27 7.86 -30.52 15.78
C ILE B 27 6.54 -30.09 15.11
N ARG B 28 6.49 -28.87 14.57
CA ARG B 28 5.36 -28.45 13.76
C ARG B 28 5.38 -29.20 12.43
N THR B 29 6.56 -29.33 11.85
CA THR B 29 6.75 -29.98 10.55
C THR B 29 6.53 -31.49 10.68
N LEU B 30 5.99 -31.90 11.83
CA LEU B 30 5.65 -33.29 12.07
C LEU B 30 4.17 -33.42 12.42
N GLN B 31 3.65 -32.43 13.14
CA GLN B 31 2.20 -32.26 13.32
C GLN B 31 1.56 -32.18 11.94
N ALA B 32 2.20 -31.42 11.05
CA ALA B 32 1.78 -31.29 9.67
C ALA B 32 1.85 -32.64 8.95
N ALA B 33 3.05 -33.24 8.95
CA ALA B 33 3.33 -34.52 8.31
C ALA B 33 2.33 -35.62 8.62
N ALA B 34 1.88 -35.69 9.88
CA ALA B 34 0.98 -36.74 10.35
C ALA B 34 -0.51 -36.41 10.16
N LYS B 35 -0.80 -35.39 9.38
CA LYS B 35 -2.17 -35.06 8.98
C LYS B 35 -2.32 -35.11 7.45
N ILE B 36 -1.21 -34.94 6.73
CA ILE B 36 -1.16 -35.13 5.27
C ILE B 36 -1.64 -36.54 4.91
N LEU B 37 -0.88 -37.52 5.38
CA LEU B 37 -1.21 -38.93 5.20
C LEU B 37 -2.53 -39.30 5.86
N GLU B 38 -2.97 -38.48 6.81
CA GLU B 38 -4.19 -38.75 7.60
C GLU B 38 -5.46 -38.34 6.84
N ARG B 39 -5.36 -37.30 6.02
CA ARG B 39 -6.53 -36.84 5.28
C ARG B 39 -6.50 -37.28 3.81
N GLY B 40 -5.34 -37.76 3.37
CA GLY B 40 -5.12 -38.11 1.96
C GLY B 40 -4.76 -36.90 1.12
N ILE B 41 -4.33 -35.84 1.80
CA ILE B 41 -3.93 -34.61 1.14
C ILE B 41 -2.80 -34.90 0.13
N ALA B 42 -1.84 -35.73 0.54
CA ALA B 42 -0.78 -36.19 -0.36
C ALA B 42 0.04 -37.31 0.29
N ASP B 43 1.17 -37.63 -0.34
CA ASP B 43 2.22 -38.41 0.30
C ASP B 43 3.43 -37.50 0.50
N ILE B 44 4.27 -37.79 1.49
CA ILE B 44 5.20 -36.80 2.01
C ILE B 44 6.51 -37.34 2.59
N VAL B 45 7.63 -36.96 1.94
CA VAL B 45 8.97 -37.34 2.38
C VAL B 45 9.46 -36.47 3.55
N LEU B 46 10.16 -37.09 4.49
CA LEU B 46 10.78 -36.38 5.60
C LEU B 46 12.29 -36.48 5.46
N VAL B 47 12.96 -35.33 5.41
CA VAL B 47 14.39 -35.29 5.14
C VAL B 47 15.17 -34.93 6.40
N GLY B 48 15.87 -35.92 6.93
CA GLY B 48 16.65 -35.74 8.16
C GLY B 48 16.92 -37.04 8.91
N ASN B 49 17.62 -36.91 10.04
CA ASN B 49 18.08 -38.04 10.86
C ASN B 49 16.96 -38.94 11.39
N GLU B 50 17.25 -40.24 11.46
CA GLU B 50 16.28 -41.23 11.94
C GLU B 50 15.96 -41.04 13.43
N ALA B 51 16.97 -40.70 14.21
CA ALA B 51 16.83 -40.48 15.66
C ALA B 51 15.85 -39.37 15.99
N ASP B 52 15.72 -38.41 15.07
CA ASP B 52 14.75 -37.34 15.20
C ASP B 52 13.34 -37.91 15.26
N ILE B 53 12.91 -38.52 14.15
CA ILE B 53 11.49 -38.72 13.83
C ILE B 53 10.62 -39.35 14.93
N LYS B 54 10.67 -40.68 15.07
CA LYS B 54 9.76 -41.39 16.00
C LYS B 54 9.95 -40.97 17.46
N ALA B 55 11.13 -40.45 17.79
CA ALA B 55 11.43 -40.00 19.15
C ALA B 55 10.91 -38.59 19.43
N LEU B 56 11.03 -37.70 18.43
CA LEU B 56 10.74 -36.28 18.62
C LEU B 56 9.25 -36.00 18.79
N ALA B 57 8.49 -36.08 17.70
CA ALA B 57 7.05 -35.80 17.70
C ALA B 57 6.32 -36.44 18.87
N GLY B 58 6.57 -37.73 19.10
CA GLY B 58 5.89 -38.49 20.13
C GLY B 58 5.11 -39.63 19.52
N ASP B 59 3.82 -39.71 19.84
CA ASP B 59 2.95 -40.77 19.32
C ASP B 59 2.04 -40.31 18.16
N LEU B 60 2.61 -40.30 16.95
CA LEU B 60 1.88 -40.00 15.73
C LEU B 60 2.29 -40.94 14.61
N ASP B 61 1.30 -41.57 13.98
CA ASP B 61 1.53 -42.59 12.95
C ASP B 61 2.18 -42.01 11.67
N LEU B 62 3.39 -42.48 11.38
CA LEU B 62 4.15 -42.06 10.19
C LEU B 62 4.79 -43.25 9.47
N SER B 63 4.09 -44.38 9.45
CA SER B 63 4.51 -45.51 8.62
C SER B 63 4.10 -45.19 7.19
N LYS B 64 3.05 -44.38 7.08
CA LYS B 64 2.59 -43.85 5.81
C LYS B 64 3.57 -42.83 5.22
N ALA B 65 4.48 -42.34 6.06
CA ALA B 65 5.54 -41.38 5.65
C ALA B 65 6.76 -42.09 5.06
N LYS B 66 7.72 -41.31 4.57
CA LYS B 66 8.97 -41.87 4.04
C LYS B 66 10.21 -41.14 4.55
N ILE B 67 11.06 -41.88 5.24
CA ILE B 67 12.31 -41.36 5.79
C ILE B 67 13.45 -41.56 4.79
N VAL B 68 14.19 -40.48 4.53
CA VAL B 68 15.36 -40.50 3.66
C VAL B 68 16.37 -39.50 4.23
N ASP B 69 17.52 -40.01 4.69
CA ASP B 69 18.60 -39.17 5.20
C ASP B 69 19.65 -39.01 4.12
N PRO B 70 20.08 -37.75 3.84
CA PRO B 70 21.19 -37.46 2.94
C PRO B 70 22.35 -38.44 3.04
N LYS B 71 22.48 -39.11 4.19
CA LYS B 71 23.53 -40.10 4.40
C LYS B 71 23.00 -41.54 4.57
N THR B 72 21.77 -41.79 4.11
CA THR B 72 21.18 -43.15 4.17
C THR B 72 20.66 -43.66 2.82
N TYR B 73 19.92 -42.82 2.10
CA TYR B 73 19.27 -43.19 0.84
C TYR B 73 20.21 -43.95 -0.14
N GLU B 74 19.62 -44.83 -0.95
CA GLU B 74 20.39 -45.68 -1.88
C GLU B 74 20.81 -44.97 -3.19
N LYS B 75 20.72 -43.63 -3.22
CA LYS B 75 21.10 -42.83 -4.41
C LYS B 75 21.86 -41.54 -4.07
N LYS B 76 22.24 -41.39 -2.79
CA LYS B 76 22.81 -40.15 -2.24
C LYS B 76 24.04 -39.61 -2.99
N ASP B 77 24.67 -40.46 -3.81
CA ASP B 77 25.94 -40.14 -4.46
C ASP B 77 25.80 -39.17 -5.62
N GLU B 78 24.72 -39.33 -6.39
CA GLU B 78 24.44 -38.44 -7.52
C GLU B 78 23.83 -37.09 -7.12
N TYR B 79 23.82 -36.81 -5.82
CA TYR B 79 23.27 -35.56 -5.28
C TYR B 79 24.38 -34.55 -4.99
N ILE B 80 25.50 -35.04 -4.48
CA ILE B 80 26.75 -34.27 -4.37
C ILE B 80 27.28 -33.96 -5.79
N ASN B 81 26.86 -34.80 -6.74
CA ASN B 81 27.28 -34.73 -8.16
C ASN B 81 26.46 -33.79 -9.04
N ALA B 82 25.14 -33.85 -8.94
CA ALA B 82 24.24 -32.98 -9.72
C ALA B 82 24.25 -31.54 -9.20
N PHE B 83 24.41 -31.38 -7.88
CA PHE B 83 24.55 -30.07 -7.26
C PHE B 83 25.80 -29.38 -7.81
N TYR B 84 26.87 -30.16 -7.91
CA TYR B 84 28.15 -29.70 -8.46
C TYR B 84 28.09 -29.50 -9.98
N GLU B 85 26.93 -29.81 -10.59
CA GLU B 85 26.68 -29.60 -12.03
C GLU B 85 25.94 -28.32 -12.36
N LEU B 86 25.25 -27.75 -11.37
CA LEU B 86 24.58 -26.46 -11.54
C LEU B 86 25.25 -25.35 -10.73
N ARG B 87 26.10 -25.74 -9.78
CA ARG B 87 27.05 -24.82 -9.15
C ARG B 87 28.36 -24.90 -9.94
N LYS B 88 28.22 -25.33 -11.20
CA LYS B 88 29.31 -25.60 -12.14
C LYS B 88 30.04 -24.32 -12.53
N HIS B 89 29.48 -23.19 -12.09
CA HIS B 89 29.97 -21.89 -12.50
C HIS B 89 30.24 -21.06 -11.25
N LYS B 90 29.81 -21.59 -10.10
CA LYS B 90 29.95 -20.93 -8.81
C LYS B 90 30.93 -21.69 -7.93
N GLY B 91 31.97 -20.98 -7.46
CA GLY B 91 33.10 -21.58 -6.77
C GLY B 91 32.80 -22.43 -5.55
N ILE B 92 32.57 -23.72 -5.80
CA ILE B 92 32.38 -24.74 -4.76
C ILE B 92 32.79 -26.11 -5.30
N THR B 93 33.75 -26.74 -4.62
CA THR B 93 34.28 -28.05 -5.02
C THR B 93 33.34 -29.21 -4.64
N LEU B 94 33.92 -30.39 -4.37
CA LEU B 94 33.15 -31.62 -4.12
C LEU B 94 32.81 -31.86 -2.64
N GLU B 95 33.77 -31.60 -1.76
CA GLU B 95 33.56 -31.73 -0.30
C GLU B 95 32.88 -30.50 0.32
N ASN B 96 32.86 -29.40 -0.43
CA ASN B 96 31.96 -28.27 -0.16
C ASN B 96 30.54 -28.57 -0.65
N ALA B 97 30.44 -29.36 -1.72
CA ALA B 97 29.17 -29.91 -2.20
C ALA B 97 28.72 -31.10 -1.34
N ALA B 98 29.53 -31.42 -0.32
CA ALA B 98 29.18 -32.40 0.72
C ALA B 98 28.79 -31.70 2.01
N GLU B 99 29.25 -30.45 2.16
CA GLU B 99 28.91 -29.60 3.30
C GLU B 99 27.48 -29.05 3.18
N ILE B 100 27.15 -28.51 2.00
CA ILE B 100 25.86 -27.90 1.73
C ILE B 100 24.74 -28.94 1.64
N MET B 101 25.05 -30.06 0.99
CA MET B 101 24.05 -31.06 0.65
C MET B 101 23.56 -31.90 1.83
N SER B 102 24.43 -32.10 2.83
CA SER B 102 24.07 -32.88 4.03
C SER B 102 22.94 -32.23 4.82
N ASP B 103 22.70 -30.95 4.56
CA ASP B 103 21.55 -30.24 5.10
C ASP B 103 20.25 -30.72 4.46
N TYR B 104 19.20 -30.77 5.26
CA TYR B 104 17.92 -31.39 4.92
C TYR B 104 17.18 -30.64 3.81
N VAL B 105 17.19 -29.32 3.88
CA VAL B 105 16.51 -28.48 2.91
C VAL B 105 16.98 -28.83 1.50
N TYR B 106 18.29 -28.93 1.33
CA TYR B 106 18.89 -29.20 0.03
C TYR B 106 18.52 -30.55 -0.57
N PHE B 107 18.63 -31.61 0.23
CA PHE B 107 18.28 -32.95 -0.24
C PHE B 107 16.81 -33.05 -0.65
N ALA B 108 15.95 -32.35 0.08
CA ALA B 108 14.51 -32.25 -0.25
C ALA B 108 14.28 -31.47 -1.55
N VAL B 109 15.22 -30.60 -1.88
CA VAL B 109 15.11 -29.75 -3.06
C VAL B 109 15.65 -30.45 -4.33
N MET B 110 16.81 -31.09 -4.23
CA MET B 110 17.39 -31.87 -5.32
C MET B 110 16.59 -33.15 -5.62
N MET B 111 15.77 -33.57 -4.66
CA MET B 111 14.81 -34.66 -4.91
C MET B 111 13.69 -34.20 -5.81
N ALA B 112 13.29 -32.93 -5.67
CA ALA B 112 12.31 -32.30 -6.55
C ALA B 112 12.84 -32.20 -7.99
N LYS B 113 14.04 -31.63 -8.14
CA LYS B 113 14.73 -31.50 -9.43
C LYS B 113 14.78 -32.82 -10.20
N LEU B 114 14.98 -33.93 -9.48
CA LEU B 114 15.06 -35.26 -10.10
C LEU B 114 13.72 -36.02 -10.19
N GLY B 115 12.65 -35.46 -9.63
CA GLY B 115 11.32 -36.07 -9.72
C GLY B 115 11.11 -37.27 -8.80
N GLU B 116 12.02 -37.43 -7.83
CA GLU B 116 11.87 -38.37 -6.71
C GLU B 116 10.77 -37.87 -5.76
N VAL B 117 10.57 -36.55 -5.78
CA VAL B 117 9.55 -35.85 -5.02
C VAL B 117 8.90 -34.81 -5.94
N ASP B 118 7.62 -34.53 -5.72
CA ASP B 118 6.90 -33.56 -6.54
C ASP B 118 7.11 -32.11 -6.09
N GLY B 119 7.23 -31.88 -4.79
CA GLY B 119 7.39 -30.52 -4.24
C GLY B 119 7.83 -30.39 -2.78
N VAL B 120 8.12 -29.15 -2.39
CA VAL B 120 8.76 -28.83 -1.10
C VAL B 120 8.03 -27.67 -0.40
N VAL B 121 7.85 -27.79 0.92
CA VAL B 121 7.31 -26.70 1.73
C VAL B 121 8.18 -26.48 2.95
N SER B 122 8.64 -25.23 3.12
CA SER B 122 9.40 -24.84 4.31
C SER B 122 9.41 -23.32 4.49
N GLY B 123 10.38 -22.80 5.23
CA GLY B 123 10.46 -21.39 5.55
C GLY B 123 10.13 -21.16 7.02
N ALA B 124 9.32 -22.05 7.58
CA ALA B 124 8.80 -21.93 8.95
C ALA B 124 9.89 -21.83 10.02
N ALA B 125 10.97 -22.59 9.84
CA ALA B 125 12.06 -22.64 10.82
C ALA B 125 13.39 -22.06 10.33
N HIS B 126 13.40 -21.53 9.10
CA HIS B 126 14.57 -20.83 8.57
C HIS B 126 14.26 -19.34 8.37
N SER B 127 14.00 -18.95 7.12
CA SER B 127 13.59 -17.59 6.76
C SER B 127 13.19 -17.54 5.28
N SER B 128 13.10 -16.33 4.72
CA SER B 128 12.79 -16.17 3.31
C SER B 128 14.01 -15.70 2.54
N SER B 129 15.13 -15.61 3.23
CA SER B 129 16.43 -15.37 2.60
C SER B 129 17.10 -16.72 2.33
N ASP B 130 17.07 -17.59 3.34
CA ASP B 130 17.75 -18.88 3.30
C ASP B 130 17.01 -19.91 2.46
N THR B 131 15.67 -19.84 2.46
CA THR B 131 14.81 -20.84 1.82
C THR B 131 14.88 -20.80 0.29
N LEU B 132 14.96 -19.60 -0.25
CA LEU B 132 14.87 -19.38 -1.68
C LEU B 132 16.17 -19.68 -2.45
N ARG B 133 17.29 -19.82 -1.73
CA ARG B 133 18.58 -20.21 -2.33
C ARG B 133 18.53 -21.65 -2.86
N PRO B 134 18.13 -22.61 -1.99
CA PRO B 134 17.78 -23.96 -2.43
C PRO B 134 16.82 -23.97 -3.62
N ALA B 135 15.79 -23.12 -3.54
CA ALA B 135 14.78 -23.00 -4.58
C ALA B 135 15.33 -22.43 -5.90
N VAL B 136 16.36 -21.59 -5.80
CA VAL B 136 16.90 -20.94 -7.00
C VAL B 136 18.06 -21.74 -7.61
N GLN B 137 19.05 -22.06 -6.78
CA GLN B 137 20.32 -22.62 -7.22
C GLN B 137 20.16 -24.03 -7.82
N ILE B 138 19.38 -24.87 -7.15
CA ILE B 138 19.11 -26.23 -7.57
C ILE B 138 17.98 -26.33 -8.60
N VAL B 139 16.80 -25.83 -8.23
CA VAL B 139 15.59 -25.98 -9.04
C VAL B 139 15.57 -25.12 -10.31
N LYS B 140 15.99 -23.87 -10.18
CA LYS B 140 15.82 -22.88 -11.24
C LYS B 140 14.32 -22.71 -11.57
N THR B 141 14.03 -22.06 -12.69
CA THR B 141 12.67 -21.62 -13.01
C THR B 141 12.06 -22.34 -14.22
N ALA B 142 10.76 -22.12 -14.46
CA ALA B 142 10.06 -22.70 -15.60
C ALA B 142 10.42 -21.95 -16.88
N LYS B 143 10.11 -22.52 -18.03
CA LYS B 143 10.53 -21.98 -19.32
C LYS B 143 9.90 -20.61 -19.65
N GLY B 144 8.57 -20.53 -19.60
CA GLY B 144 7.87 -19.25 -19.73
C GLY B 144 7.92 -18.43 -18.44
N ALA B 145 9.13 -18.28 -17.88
CA ALA B 145 9.36 -17.61 -16.59
C ALA B 145 10.77 -17.05 -16.49
N ALA B 146 10.91 -15.74 -16.27
CA ALA B 146 12.24 -15.16 -16.10
C ALA B 146 12.76 -15.14 -14.65
N LEU B 147 11.86 -15.33 -13.68
CA LEU B 147 12.23 -15.34 -12.24
C LEU B 147 11.22 -16.01 -11.33
N ALA B 148 11.71 -16.50 -10.20
CA ALA B 148 10.85 -16.90 -9.08
C ALA B 148 10.32 -15.65 -8.38
N SER B 149 9.01 -15.60 -8.18
CA SER B 149 8.36 -14.50 -7.49
C SER B 149 7.45 -15.05 -6.38
N ALA B 150 6.90 -14.16 -5.54
CA ALA B 150 5.92 -14.61 -4.53
C ALA B 150 4.60 -13.83 -4.58
N PHE B 151 3.53 -14.48 -4.11
CA PHE B 151 2.19 -13.90 -4.19
C PHE B 151 1.29 -14.32 -3.02
N PHE B 152 0.10 -13.72 -2.95
CA PHE B 152 -0.87 -13.98 -1.89
C PHE B 152 -2.26 -14.04 -2.51
N ILE B 153 -3.05 -15.04 -2.12
CA ILE B 153 -4.47 -15.08 -2.46
C ILE B 153 -5.25 -14.37 -1.35
N ILE B 154 -5.93 -13.27 -1.71
CA ILE B 154 -6.68 -12.45 -0.75
C ILE B 154 -8.19 -12.58 -0.92
N SER B 155 -8.87 -13.07 0.12
CA SER B 155 -10.36 -13.19 0.15
C SER B 155 -11.04 -12.15 1.03
N VAL B 156 -11.69 -11.18 0.40
CA VAL B 156 -12.33 -10.08 1.12
C VAL B 156 -13.78 -10.43 1.38
N PRO B 157 -14.24 -10.34 2.64
CA PRO B 157 -15.51 -10.82 3.18
C PRO B 157 -16.75 -10.41 2.41
N ASP B 158 -17.42 -9.34 2.84
CA ASP B 158 -18.56 -8.84 2.09
C ASP B 158 -17.96 -7.95 1.03
N CYS B 159 -17.89 -8.46 -0.20
CA CYS B 159 -17.13 -7.84 -1.26
C CYS B 159 -17.67 -8.24 -2.64
N GLU B 160 -18.10 -7.23 -3.40
CA GLU B 160 -18.58 -7.41 -4.77
C GLU B 160 -17.47 -6.96 -5.75
N TYR B 161 -16.24 -7.26 -5.36
CA TYR B 161 -15.11 -7.01 -6.23
C TYR B 161 -14.35 -8.31 -6.47
N GLY B 162 -13.37 -8.26 -7.35
CA GLY B 162 -12.62 -9.46 -7.73
C GLY B 162 -13.48 -10.64 -8.12
N SER B 163 -12.95 -11.83 -7.83
CA SER B 163 -13.57 -13.09 -8.18
C SER B 163 -14.36 -13.64 -6.97
N ASP B 164 -15.44 -12.94 -6.58
CA ASP B 164 -16.21 -13.28 -5.38
C ASP B 164 -15.36 -12.94 -4.14
N GLY B 165 -14.84 -11.72 -4.13
CA GLY B 165 -13.96 -11.25 -3.06
C GLY B 165 -12.54 -11.82 -3.08
N THR B 166 -12.21 -12.60 -4.11
CA THR B 166 -10.90 -13.26 -4.20
C THR B 166 -9.97 -12.59 -5.21
N PHE B 167 -8.71 -12.42 -4.84
CA PHE B 167 -7.72 -11.71 -5.66
C PHE B 167 -6.39 -12.42 -5.52
N LEU B 168 -5.55 -12.30 -6.53
CA LEU B 168 -4.12 -12.53 -6.29
C LEU B 168 -3.38 -11.19 -6.26
N PHE B 169 -2.62 -10.94 -5.20
CA PHE B 169 -1.67 -9.84 -5.14
C PHE B 169 -0.25 -10.39 -5.50
N ALA B 170 0.50 -9.68 -6.36
CA ALA B 170 1.92 -10.03 -6.63
C ALA B 170 2.77 -8.87 -7.16
N ASP B 171 4.08 -8.83 -6.84
CA ASP B 171 4.75 -9.73 -5.90
C ASP B 171 4.61 -9.13 -4.53
N SER B 172 4.24 -9.93 -3.53
CA SER B 172 4.08 -9.40 -2.17
C SER B 172 4.95 -10.14 -1.19
N GLY B 173 5.88 -10.95 -1.69
CA GLY B 173 6.70 -11.77 -0.80
C GLY B 173 8.19 -11.62 -1.04
N MET B 174 8.60 -11.94 -2.25
CA MET B 174 10.01 -12.17 -2.53
C MET B 174 10.76 -11.00 -3.14
N VAL B 175 10.29 -10.50 -4.28
CA VAL B 175 11.12 -9.66 -5.16
C VAL B 175 11.09 -8.20 -4.79
N GLU B 176 12.14 -7.78 -4.10
CA GLU B 176 12.19 -6.50 -3.39
C GLU B 176 12.05 -5.36 -4.40
N MET B 177 12.97 -5.36 -5.36
CA MET B 177 13.01 -4.37 -6.43
C MET B 177 12.99 -5.00 -7.80
N PRO B 178 11.79 -5.32 -8.30
CA PRO B 178 11.68 -5.82 -9.66
C PRO B 178 11.97 -4.70 -10.66
N SER B 179 12.76 -5.00 -11.69
CA SER B 179 12.95 -4.09 -12.82
C SER B 179 11.74 -4.17 -13.74
N VAL B 180 11.67 -3.29 -14.74
CA VAL B 180 10.47 -3.22 -15.59
C VAL B 180 10.24 -4.55 -16.32
N GLU B 181 11.30 -5.12 -16.86
CA GLU B 181 11.30 -6.47 -17.42
C GLU B 181 10.73 -7.47 -16.38
N ASP B 182 11.28 -7.48 -15.17
CA ASP B 182 10.84 -8.41 -14.12
C ASP B 182 9.39 -8.20 -13.75
N VAL B 183 8.90 -6.96 -13.84
CA VAL B 183 7.50 -6.69 -13.42
C VAL B 183 6.56 -7.29 -14.44
N ALA B 184 6.91 -7.09 -15.71
CA ALA B 184 6.08 -7.51 -16.82
C ALA B 184 5.88 -9.01 -16.68
N ASN B 185 6.98 -9.72 -16.46
CA ASN B 185 6.93 -11.16 -16.23
C ASN B 185 6.09 -11.55 -15.01
N ILE B 186 6.22 -10.85 -13.88
CA ILE B 186 5.35 -11.07 -12.70
C ILE B 186 3.88 -11.04 -13.08
N ALA B 187 3.49 -10.11 -13.94
CA ALA B 187 2.11 -10.09 -14.39
C ALA B 187 1.76 -11.39 -15.11
N VAL B 188 2.53 -11.74 -16.15
CA VAL B 188 2.23 -12.94 -16.95
C VAL B 188 2.11 -14.18 -16.06
N ILE B 189 3.19 -14.50 -15.35
CA ILE B 189 3.22 -15.64 -14.43
C ILE B 189 2.12 -15.65 -13.37
N SER B 190 1.63 -14.49 -12.94
CA SER B 190 0.60 -14.46 -11.88
C SER B 190 -0.78 -14.72 -12.48
N ALA B 191 -0.94 -14.36 -13.76
CA ALA B 191 -2.14 -14.71 -14.50
C ALA B 191 -2.34 -16.23 -14.56
N LYS B 192 -1.26 -16.96 -14.84
CA LYS B 192 -1.35 -18.44 -14.92
C LYS B 192 -1.58 -19.06 -13.55
N THR B 193 -1.04 -18.44 -12.50
CA THR B 193 -1.32 -18.90 -11.15
C THR B 193 -2.77 -18.66 -10.74
N PHE B 194 -3.30 -17.46 -11.07
CA PHE B 194 -4.70 -17.20 -10.75
C PHE B 194 -5.59 -18.27 -11.34
N GLU B 195 -5.47 -18.46 -12.65
CA GLU B 195 -6.23 -19.43 -13.40
C GLU B 195 -6.22 -20.79 -12.70
N LEU B 196 -5.02 -21.26 -12.38
CA LEU B 196 -4.79 -22.53 -11.71
C LEU B 196 -5.49 -22.66 -10.35
N LEU B 197 -5.39 -21.62 -9.52
CA LEU B 197 -5.79 -21.72 -8.10
C LEU B 197 -7.18 -21.20 -7.78
N VAL B 198 -7.63 -20.17 -8.49
CA VAL B 198 -8.96 -19.62 -8.21
C VAL B 198 -9.99 -20.17 -9.19
N GLN B 199 -9.47 -20.66 -10.32
CA GLN B 199 -10.29 -21.22 -11.39
C GLN B 199 -11.30 -20.23 -11.96
N ASP B 200 -10.77 -19.10 -12.39
CA ASP B 200 -11.56 -18.04 -13.02
C ASP B 200 -10.61 -17.28 -13.96
N VAL B 201 -11.20 -16.48 -14.85
CA VAL B 201 -10.46 -15.73 -15.85
C VAL B 201 -9.71 -14.61 -15.16
N PRO B 202 -8.37 -14.63 -15.25
CA PRO B 202 -7.63 -13.56 -14.62
C PRO B 202 -7.71 -12.27 -15.47
N LYS B 203 -8.13 -11.18 -14.82
CA LYS B 203 -8.07 -9.84 -15.36
C LYS B 203 -7.07 -9.06 -14.55
N VAL B 204 -5.89 -8.88 -15.14
CA VAL B 204 -4.69 -8.39 -14.43
C VAL B 204 -4.49 -6.87 -14.49
N ALA B 205 -4.46 -6.23 -13.31
CA ALA B 205 -4.28 -4.76 -13.17
C ALA B 205 -2.85 -4.39 -12.79
N MET B 206 -2.18 -3.64 -13.66
CA MET B 206 -0.84 -3.09 -13.37
C MET B 206 -1.04 -1.80 -12.58
N LEU B 207 -0.83 -1.86 -11.26
CA LEU B 207 -1.26 -0.79 -10.36
C LEU B 207 -0.38 0.43 -10.36
N SER B 208 -0.93 1.55 -9.86
CA SER B 208 -0.26 2.87 -9.81
C SER B 208 -1.11 3.88 -9.04
N TYR B 209 -0.52 4.98 -8.62
CA TYR B 209 -1.37 6.08 -8.20
C TYR B 209 -2.04 6.75 -9.38
N SER B 210 -1.51 6.51 -10.58
CA SER B 210 -1.97 7.12 -11.80
C SER B 210 -2.97 6.16 -12.41
N THR B 211 -3.83 6.69 -13.27
CA THR B 211 -4.66 5.91 -14.19
C THR B 211 -4.60 6.49 -15.61
N LYS B 212 -4.26 5.64 -16.57
CA LYS B 212 -4.05 6.03 -17.97
C LYS B 212 -3.66 7.51 -18.11
N GLY B 213 -2.50 7.87 -17.54
CA GLY B 213 -1.95 9.22 -17.66
C GLY B 213 -2.73 10.27 -16.89
N SER B 214 -3.36 9.88 -15.78
CA SER B 214 -3.97 10.87 -14.91
C SER B 214 -2.87 11.68 -14.22
N ALA B 215 -1.68 11.07 -14.17
CA ALA B 215 -0.44 11.70 -13.69
C ALA B 215 0.77 11.19 -14.52
N LYS B 216 1.91 11.85 -14.38
CA LYS B 216 3.10 11.44 -15.13
C LYS B 216 4.38 11.60 -14.32
N SER B 217 5.16 10.53 -14.21
CA SER B 217 6.42 10.60 -13.53
C SER B 217 7.20 9.39 -13.92
N LYS B 218 8.43 9.35 -13.45
CA LYS B 218 9.27 8.17 -13.51
C LYS B 218 8.46 6.93 -13.15
N LEU B 219 7.74 6.99 -12.02
CA LEU B 219 6.99 5.84 -11.46
C LEU B 219 5.95 5.27 -12.41
N THR B 220 5.02 6.12 -12.82
CA THR B 220 3.98 5.87 -13.81
C THR B 220 4.56 5.26 -15.08
N GLU B 221 5.60 5.90 -15.63
CA GLU B 221 6.26 5.42 -16.85
C GLU B 221 6.84 4.02 -16.69
N ALA B 222 7.40 3.70 -15.53
CA ALA B 222 7.80 2.31 -15.25
C ALA B 222 6.66 1.32 -15.46
N THR B 223 5.51 1.58 -14.83
CA THR B 223 4.29 0.73 -14.92
C THR B 223 3.74 0.75 -16.36
N ILE B 224 3.56 1.95 -16.91
CA ILE B 224 3.13 2.12 -18.30
C ILE B 224 3.82 1.09 -19.17
N ALA B 225 5.15 1.06 -19.08
CA ALA B 225 6.00 0.28 -19.96
C ALA B 225 5.78 -1.18 -19.73
N SER B 226 5.86 -1.57 -18.45
CA SER B 226 5.60 -2.94 -18.00
C SER B 226 4.24 -3.51 -18.44
N THR B 227 3.20 -2.67 -18.44
CA THR B 227 1.89 -3.09 -18.91
C THR B 227 2.08 -3.62 -20.31
N LYS B 228 2.66 -2.76 -21.14
CA LYS B 228 2.80 -2.96 -22.55
C LYS B 228 3.86 -4.00 -22.90
N LEU B 229 4.78 -4.25 -21.98
CA LEU B 229 5.68 -5.39 -22.18
C LEU B 229 4.85 -6.68 -22.01
N ALA B 230 4.11 -6.74 -20.90
CA ALA B 230 3.24 -7.88 -20.58
C ALA B 230 2.17 -8.17 -21.65
N GLN B 231 1.58 -7.09 -22.20
CA GLN B 231 0.57 -7.22 -23.24
C GLN B 231 1.11 -7.97 -24.46
N GLU B 232 2.43 -7.87 -24.68
CA GLU B 232 3.04 -8.58 -25.80
C GLU B 232 3.31 -10.03 -25.38
N LEU B 233 4.02 -10.18 -24.24
CA LEU B 233 4.38 -11.51 -23.76
C LEU B 233 3.17 -12.44 -23.83
N ALA B 234 1.99 -11.84 -23.53
CA ALA B 234 0.76 -12.59 -23.40
C ALA B 234 -0.39 -11.79 -23.99
N PRO B 235 -0.67 -11.99 -25.29
CA PRO B 235 -1.76 -11.25 -25.92
C PRO B 235 -3.15 -11.77 -25.46
N ASP B 236 -3.19 -13.13 -25.26
CA ASP B 236 -4.44 -13.82 -24.89
C ASP B 236 -4.95 -13.47 -23.49
N ILE B 237 -4.08 -12.87 -22.67
CA ILE B 237 -4.40 -12.52 -21.29
C ILE B 237 -4.78 -11.05 -21.23
N ALA B 238 -5.95 -10.76 -20.62
CA ALA B 238 -6.40 -9.38 -20.59
C ALA B 238 -5.64 -8.62 -19.50
N ILE B 239 -4.86 -7.61 -19.91
CA ILE B 239 -3.88 -6.93 -19.05
C ILE B 239 -3.86 -5.44 -19.38
N ASP B 240 -3.93 -4.61 -18.33
CA ASP B 240 -4.00 -3.16 -18.51
C ASP B 240 -3.28 -2.40 -17.39
N GLY B 241 -2.79 -1.21 -17.75
CA GLY B 241 -2.06 -0.31 -16.86
C GLY B 241 -1.81 1.05 -17.50
N GLU B 242 -1.54 2.11 -16.70
CA GLU B 242 -1.57 2.06 -15.22
C GLU B 242 -2.99 2.22 -14.73
N LEU B 243 -3.30 1.48 -13.67
CA LEU B 243 -4.57 1.60 -12.97
C LEU B 243 -4.38 1.83 -11.46
N GLN B 244 -5.07 2.84 -10.95
CA GLN B 244 -5.37 2.90 -9.56
C GLN B 244 -6.22 1.69 -9.21
N VAL B 245 -6.36 1.39 -7.92
CA VAL B 245 -7.22 0.34 -7.41
C VAL B 245 -8.71 0.58 -7.70
N ASP B 246 -9.22 1.79 -7.47
CA ASP B 246 -10.64 2.07 -7.64
C ASP B 246 -11.10 1.89 -9.10
N ALA B 247 -10.28 2.36 -10.02
CA ALA B 247 -10.54 2.11 -11.44
C ALA B 247 -10.37 0.64 -11.73
N ALA B 248 -9.48 -0.02 -10.98
CA ALA B 248 -9.15 -1.42 -11.25
C ALA B 248 -10.33 -2.31 -10.95
N ILE B 249 -11.06 -1.96 -9.89
CA ILE B 249 -12.15 -2.84 -9.46
C ILE B 249 -13.58 -2.30 -9.61
N VAL B 250 -13.75 -1.01 -9.84
CA VAL B 250 -15.09 -0.42 -9.74
C VAL B 250 -15.59 0.02 -11.11
N PRO B 251 -16.56 -0.74 -11.68
CA PRO B 251 -17.14 -0.36 -12.98
C PRO B 251 -17.42 1.14 -13.13
N LYS B 252 -18.26 1.71 -12.24
CA LYS B 252 -18.62 3.12 -12.34
C LYS B 252 -17.36 3.99 -12.53
N VAL B 253 -16.37 3.84 -11.64
CA VAL B 253 -15.11 4.61 -11.72
C VAL B 253 -14.34 4.33 -13.01
N ALA B 254 -13.99 3.06 -13.23
CA ALA B 254 -13.33 2.60 -14.47
C ALA B 254 -13.91 3.27 -15.72
N ALA B 255 -15.24 3.33 -15.77
CA ALA B 255 -15.95 3.81 -16.96
C ALA B 255 -15.51 5.21 -17.38
N SER B 256 -15.00 5.99 -16.44
CA SER B 256 -14.61 7.35 -16.77
C SER B 256 -13.10 7.57 -16.73
N LYS B 257 -12.38 6.83 -15.89
CA LYS B 257 -10.90 6.91 -15.86
C LYS B 257 -10.18 6.10 -16.98
N ALA B 258 -10.82 5.04 -17.48
CA ALA B 258 -10.16 4.24 -18.51
C ALA B 258 -11.20 3.59 -19.39
N PRO B 259 -11.81 4.39 -20.29
CA PRO B 259 -12.95 3.86 -21.04
C PRO B 259 -12.51 2.68 -21.89
N GLY B 260 -13.41 1.72 -22.09
CA GLY B 260 -13.15 0.56 -22.96
C GLY B 260 -11.91 -0.27 -22.66
N SER B 261 -11.65 -0.51 -21.37
CA SER B 261 -10.51 -1.35 -20.95
C SER B 261 -10.93 -2.82 -20.81
N PRO B 262 -10.01 -3.78 -21.11
CA PRO B 262 -10.36 -5.20 -20.92
C PRO B 262 -10.23 -5.71 -19.46
N VAL B 263 -9.91 -4.81 -18.52
CA VAL B 263 -9.58 -5.18 -17.15
C VAL B 263 -10.26 -4.26 -16.13
N ALA B 264 -10.21 -2.96 -16.40
CA ALA B 264 -10.70 -1.96 -15.46
C ALA B 264 -12.15 -2.23 -15.06
N GLY B 265 -12.44 -2.18 -13.76
CA GLY B 265 -13.79 -2.49 -13.28
C GLY B 265 -14.03 -3.97 -13.01
N LYS B 266 -13.07 -4.82 -13.37
CA LYS B 266 -13.26 -6.28 -13.25
C LYS B 266 -12.08 -6.99 -12.60
N ALA B 267 -11.02 -6.24 -12.28
CA ALA B 267 -9.73 -6.81 -11.85
C ALA B 267 -9.82 -7.86 -10.78
N ASN B 268 -8.91 -8.82 -10.81
CA ASN B 268 -8.85 -9.87 -9.80
C ASN B 268 -7.43 -10.30 -9.54
N VAL B 269 -6.52 -9.84 -10.41
CA VAL B 269 -5.07 -9.95 -10.17
C VAL B 269 -4.48 -8.54 -10.04
N PHE B 270 -3.90 -8.24 -8.88
CA PHE B 270 -3.24 -6.94 -8.58
C PHE B 270 -1.73 -7.01 -8.64
N ILE B 271 -1.15 -6.25 -9.57
CA ILE B 271 0.29 -6.27 -9.72
C ILE B 271 0.93 -4.99 -9.30
N PHE B 272 1.93 -5.12 -8.44
CA PHE B 272 2.53 -3.98 -7.74
C PHE B 272 3.90 -3.51 -8.29
N PRO B 273 4.22 -2.20 -8.17
CA PRO B 273 5.50 -1.66 -8.67
C PRO B 273 6.76 -2.23 -8.01
N ASP B 274 6.67 -2.57 -6.73
CA ASP B 274 7.75 -3.18 -5.98
C ASP B 274 7.14 -3.69 -4.68
N LEU B 275 7.99 -4.14 -3.75
CA LEU B 275 7.57 -4.89 -2.58
C LEU B 275 7.12 -4.04 -1.37
N ASN B 276 7.46 -2.74 -1.35
CA ASN B 276 6.81 -1.83 -0.42
C ASN B 276 5.34 -1.82 -0.74
N CYS B 277 5.00 -1.71 -2.02
CA CYS B 277 3.60 -1.66 -2.38
C CYS B 277 2.90 -2.97 -2.13
N GLY B 278 3.49 -4.07 -2.63
CA GLY B 278 2.83 -5.39 -2.60
C GLY B 278 2.51 -5.77 -1.16
N ASN B 279 3.51 -5.67 -0.30
CA ASN B 279 3.39 -6.14 1.05
C ASN B 279 2.51 -5.22 1.90
N ILE B 280 2.58 -3.91 1.68
CA ILE B 280 1.64 -2.98 2.31
C ILE B 280 0.20 -3.29 1.94
N ALA B 281 -0.04 -3.48 0.65
CA ALA B 281 -1.37 -3.71 0.11
C ALA B 281 -2.02 -4.90 0.75
N TYR B 282 -1.24 -5.97 0.96
CA TYR B 282 -1.85 -7.25 1.31
C TYR B 282 -2.22 -7.26 2.81
N LYS B 283 -1.26 -6.84 3.63
CA LYS B 283 -1.47 -6.61 5.05
C LYS B 283 -2.62 -5.63 5.27
N ILE B 284 -2.81 -4.67 4.36
CA ILE B 284 -3.87 -3.71 4.61
C ILE B 284 -5.22 -4.37 4.40
N ALA B 285 -5.26 -5.23 3.40
CA ALA B 285 -6.44 -6.03 3.09
C ALA B 285 -6.76 -6.95 4.24
N GLN B 286 -5.79 -7.76 4.63
CA GLN B 286 -5.94 -8.71 5.72
C GLN B 286 -6.45 -8.04 7.01
N ARG B 287 -5.81 -6.96 7.45
CA ARG B 287 -6.06 -6.39 8.77
C ARG B 287 -7.18 -5.35 8.88
N LEU B 288 -7.33 -4.51 7.87
CA LEU B 288 -8.40 -3.54 7.91
C LEU B 288 -9.63 -4.02 7.15
N ALA B 289 -9.45 -4.86 6.13
CA ALA B 289 -10.57 -5.35 5.32
C ALA B 289 -11.11 -6.72 5.75
N LYS B 290 -10.47 -7.30 6.78
CA LYS B 290 -10.84 -8.61 7.36
C LYS B 290 -10.73 -9.69 6.30
N ALA B 291 -9.77 -9.51 5.39
CA ALA B 291 -9.55 -10.50 4.34
C ALA B 291 -8.74 -11.67 4.89
N GLU B 292 -9.05 -12.87 4.43
CA GLU B 292 -8.22 -14.04 4.68
C GLU B 292 -7.12 -14.05 3.61
N ALA B 293 -5.88 -14.27 4.04
CA ALA B 293 -4.70 -14.19 3.18
C ALA B 293 -4.07 -15.57 3.02
N TYR B 294 -3.57 -15.89 1.84
CA TYR B 294 -2.89 -17.16 1.68
C TYR B 294 -1.57 -16.95 0.95
N GLY B 295 -0.51 -17.53 1.50
CA GLY B 295 0.84 -17.32 1.02
C GLY B 295 1.76 -16.97 2.17
N PRO B 296 3.02 -16.56 1.87
CA PRO B 296 3.54 -16.45 0.53
C PRO B 296 3.60 -17.79 -0.16
N ILE B 297 3.07 -17.84 -1.37
CA ILE B 297 3.26 -18.98 -2.24
C ILE B 297 4.17 -18.53 -3.38
N THR B 298 5.12 -19.39 -3.73
CA THR B 298 6.02 -19.08 -4.82
C THR B 298 5.39 -19.47 -6.12
N GLN B 299 5.85 -18.85 -7.20
CA GLN B 299 5.39 -19.14 -8.55
C GLN B 299 6.53 -18.86 -9.52
N GLY B 300 6.36 -19.34 -10.76
CA GLY B 300 7.37 -19.19 -11.78
C GLY B 300 8.51 -20.15 -11.55
N LEU B 301 8.44 -20.89 -10.45
CA LEU B 301 9.37 -21.97 -10.22
C LEU B 301 9.11 -23.17 -11.15
N ALA B 302 10.12 -24.03 -11.25
CA ALA B 302 10.14 -25.09 -12.25
C ALA B 302 9.49 -26.33 -11.68
N LYS B 303 9.45 -26.37 -10.35
CA LYS B 303 8.75 -27.39 -9.56
C LYS B 303 8.54 -26.72 -8.20
N PRO B 304 7.28 -26.72 -7.70
CA PRO B 304 6.85 -25.89 -6.57
C PRO B 304 7.68 -26.10 -5.30
N ILE B 305 7.98 -25.00 -4.65
CA ILE B 305 8.78 -24.96 -3.41
C ILE B 305 8.28 -23.71 -2.70
N ASN B 306 7.63 -23.86 -1.56
CA ASN B 306 6.98 -22.71 -0.92
C ASN B 306 7.62 -22.23 0.37
N ASP B 307 7.51 -20.93 0.62
CA ASP B 307 7.95 -20.32 1.88
C ASP B 307 6.82 -20.21 2.91
N LEU B 308 7.21 -20.01 4.16
CA LEU B 308 6.26 -19.84 5.27
C LEU B 308 6.57 -18.58 6.10
N SER B 309 5.52 -17.95 6.63
CA SER B 309 5.68 -16.84 7.57
C SER B 309 6.50 -17.31 8.76
N ARG B 310 7.44 -16.49 9.22
CA ARG B 310 8.33 -16.88 10.30
C ARG B 310 7.63 -17.71 11.38
N GLY B 311 6.54 -17.18 11.91
CA GLY B 311 5.79 -17.84 13.00
C GLY B 311 4.37 -18.22 12.62
N CYS B 312 4.05 -19.50 12.80
CA CYS B 312 2.79 -20.07 12.31
C CYS B 312 2.44 -21.45 12.89
N SER B 313 1.27 -21.96 12.52
CA SER B 313 0.76 -23.24 13.01
C SER B 313 0.98 -24.33 11.97
N ASP B 314 0.65 -25.57 12.33
CA ASP B 314 0.75 -26.68 11.38
C ASP B 314 -0.46 -26.74 10.44
N GLU B 315 -1.57 -26.13 10.83
CA GLU B 315 -2.80 -26.08 10.01
C GLU B 315 -2.57 -25.22 8.77
N ASP B 316 -1.72 -24.21 8.93
CA ASP B 316 -1.23 -23.42 7.80
C ASP B 316 -0.40 -24.30 6.89
N ILE B 317 0.42 -25.18 7.47
CA ILE B 317 1.33 -26.01 6.67
C ILE B 317 0.59 -26.99 5.76
N VAL B 318 -0.43 -27.67 6.31
CA VAL B 318 -1.32 -28.50 5.51
C VAL B 318 -1.90 -27.68 4.38
N GLY B 319 -2.19 -26.41 4.68
CA GLY B 319 -2.57 -25.46 3.64
C GLY B 319 -1.52 -25.32 2.55
N ALA B 320 -0.28 -25.05 2.95
CA ALA B 320 0.84 -24.88 2.01
C ALA B 320 1.12 -26.14 1.22
N VAL B 321 1.24 -27.27 1.92
CA VAL B 321 1.39 -28.59 1.29
C VAL B 321 0.32 -28.83 0.21
N ALA B 322 -0.93 -28.46 0.49
CA ALA B 322 -2.04 -28.62 -0.47
C ALA B 322 -1.87 -27.77 -1.72
N ILE B 323 -1.29 -26.61 -1.56
CA ILE B 323 -1.08 -25.71 -2.70
C ILE B 323 0.09 -26.21 -3.53
N THR B 324 1.11 -26.72 -2.84
CA THR B 324 2.28 -27.32 -3.49
C THR B 324 1.86 -28.56 -4.32
N CYS B 325 0.73 -29.16 -3.98
CA CYS B 325 0.20 -30.26 -4.79
C CYS B 325 -0.47 -29.74 -6.05
N VAL B 326 -1.50 -28.92 -5.88
CA VAL B 326 -2.21 -28.36 -7.03
C VAL B 326 -1.19 -27.67 -7.96
N GLN B 327 -0.38 -26.76 -7.42
CA GLN B 327 0.76 -26.24 -8.18
C GLN B 327 1.50 -27.38 -8.90
N ALA B 328 1.83 -28.45 -8.19
CA ALA B 328 2.59 -29.55 -8.79
C ALA B 328 1.89 -30.18 -10.01
N ALA B 329 0.60 -29.86 -10.20
CA ALA B 329 -0.16 -30.33 -11.36
C ALA B 329 -0.33 -29.24 -12.41
N ALA B 330 0.67 -28.39 -12.56
CA ALA B 330 0.61 -27.28 -13.50
C ALA B 330 1.31 -27.59 -14.82
N GLN B 331 2.15 -28.63 -14.84
CA GLN B 331 2.87 -28.96 -16.09
C GLN B 331 2.65 -30.40 -16.63
N ASP B 332 2.49 -31.36 -15.72
CA ASP B 332 2.29 -32.76 -16.12
C ASP B 332 0.98 -32.99 -16.86
N LYS B 333 1.06 -32.97 -18.20
CA LYS B 333 -0.07 -33.24 -19.09
C LYS B 333 0.43 -33.70 -20.46
S SO4 C . -9.91 23.65 -16.24
O1 SO4 C . -9.35 23.47 -17.57
O2 SO4 C . -11.25 23.02 -16.19
O3 SO4 C . -8.96 22.98 -15.35
O4 SO4 C . -10.14 25.07 -15.98
N1A COA D . -5.32 18.55 -2.08
C2A COA D . -6.48 18.16 -2.74
N3A COA D . -6.39 17.43 -3.90
C4A COA D . -5.17 17.10 -4.41
C5A COA D . -4.00 17.49 -3.78
C6A COA D . -4.09 18.22 -2.61
N6A COA D . -2.97 18.51 -1.94
N7A COA D . -2.95 17.04 -4.50
C8A COA D . -3.42 16.36 -5.56
N9A COA D . -4.79 16.40 -5.51
C1B COA D . -5.71 15.79 -6.50
C2B COA D . -4.91 15.43 -7.75
O2B COA D . -5.12 16.38 -8.78
C3B COA D . -5.35 14.01 -8.10
O3B COA D . -6.17 13.91 -9.27
P3B COA D . -7.26 15.00 -9.84
O7A COA D . -6.61 15.84 -10.94
O8A COA D . -7.71 15.95 -8.74
O9A COA D . -8.44 14.23 -10.42
C4B COA D . -6.09 13.53 -6.86
O4B COA D . -6.27 14.62 -5.97
C5B COA D . -5.37 12.40 -6.14
O5B COA D . -6.27 11.89 -5.15
P1A COA D . -7.14 10.57 -5.42
O1A COA D . -6.29 9.32 -5.49
O2A COA D . -8.28 10.47 -4.44
O3A COA D . -7.69 10.88 -6.91
P2A COA D . -9.10 10.29 -7.47
O4A COA D . -9.15 10.64 -8.94
O5A COA D . -9.11 8.80 -7.31
O6A COA D . -10.24 11.08 -6.66
CBP COA D . -12.18 11.17 -5.19
CCP COA D . -11.47 10.46 -6.34
CDP COA D . -12.26 12.69 -5.45
CEP COA D . -13.61 10.63 -5.12
CAP COA D . -11.35 10.89 -3.92
OAP COA D . -10.50 11.95 -3.54
C9P COA D . -12.08 10.22 -2.76
O9P COA D . -12.13 8.81 -2.71
N8P COA D . -12.65 11.00 -1.84
C7P COA D . -14.03 10.78 -1.45
C6P COA D . -14.75 12.04 -0.95
C5P COA D . -13.83 12.82 -0.03
O5P COA D . -12.87 12.25 0.54
N4P COA D . -14.11 14.11 0.12
C3P COA D . -13.34 15.11 -0.61
C2P COA D . -13.89 16.52 -0.40
S1P COA D . -14.15 17.38 -1.97
N1A COA E . 5.29 21.36 -1.36
C2A COA E . 5.67 22.68 -1.42
N3A COA E . 6.14 23.22 -2.60
C4A COA E . 6.24 22.42 -3.70
C5A COA E . 5.88 21.08 -3.65
C6A COA E . 5.40 20.54 -2.46
N6A COA E . 4.77 19.36 -2.49
N7A COA E . 6.09 20.53 -4.87
C8A COA E . 6.58 21.50 -5.69
N9A COA E . 6.69 22.66 -4.98
C1B COA E . 6.90 24.02 -5.52
C2B COA E . 8.24 24.27 -6.19
O2B COA E . 9.24 24.51 -5.22
C3B COA E . 7.91 25.48 -7.05
O3B COA E . 8.40 26.65 -6.45
P3B COA E . 9.09 27.79 -7.32
O7A COA E . 9.24 28.98 -6.38
O8A COA E . 8.23 28.16 -8.52
O9A COA E . 10.45 27.31 -7.78
C4B COA E . 6.38 25.59 -7.00
O4B COA E . 5.96 24.35 -6.50
C5B COA E . 5.74 26.00 -8.33
O5B COA E . 4.78 25.05 -8.76
P1A COA E . 5.20 23.79 -9.71
O1A COA E . 5.50 24.32 -11.10
O2A COA E . 4.02 22.85 -9.79
O3A COA E . 6.49 23.10 -8.98
P2A COA E . 7.76 22.47 -9.73
O4A COA E . 8.12 23.31 -10.95
O5A COA E . 8.98 22.34 -8.83
O6A COA E . 7.27 21.01 -10.23
CBP COA E . 5.12 20.13 -11.13
CCP COA E . 6.44 20.86 -11.37
CDP COA E . 5.20 18.78 -11.82
CEP COA E . 4.01 20.95 -11.80
CAP COA E . 4.82 19.84 -9.65
OAP COA E . 5.48 20.68 -8.74
C9P COA E . 3.35 19.79 -9.29
O9P COA E . 2.55 18.74 -9.79
N8P COA E . 2.92 20.78 -8.47
C7P COA E . 1.53 21.04 -8.10
C6P COA E . 1.03 20.20 -6.93
C5P COA E . 1.55 18.78 -7.05
O5P COA E . 0.92 17.96 -7.75
N4P COA E . 2.69 18.52 -6.39
C3P COA E . 3.36 17.23 -6.38
C2P COA E . 4.88 17.34 -6.21
S1P COA E . 5.74 15.82 -6.74
N1A COA F . 14.65 -15.17 -10.03
C2A COA F . 15.57 -16.17 -10.26
N3A COA F . 16.69 -16.24 -9.46
C4A COA F . 16.87 -15.35 -8.45
C5A COA F . 15.95 -14.34 -8.20
C6A COA F . 14.82 -14.26 -9.00
N6A COA F . 13.73 -13.70 -8.50
N7A COA F . 16.42 -13.63 -7.15
C8A COA F . 17.60 -14.15 -6.74
N9A COA F . 17.89 -15.22 -7.54
C1B COA F . 19.21 -15.82 -7.83
C2B COA F . 20.12 -14.92 -8.63
O2B COA F . 19.68 -14.80 -9.97
C3B COA F . 21.46 -15.63 -8.45
O3B COA F . 21.83 -16.41 -9.57
P3B COA F . 23.26 -16.24 -10.31
O7A COA F . 23.60 -17.53 -11.03
O8A COA F . 24.34 -15.98 -9.27
O9A COA F . 23.21 -15.09 -11.31
C4B COA F . 21.27 -16.55 -7.24
O4B COA F . 19.97 -16.27 -6.72
C5B COA F . 22.39 -16.37 -6.22
O5B COA F . 21.89 -16.36 -4.89
P1A COA F . 21.77 -15.01 -4.01
O1A COA F . 23.12 -14.32 -3.88
O2A COA F . 21.22 -15.35 -2.64
O3A COA F . 20.72 -14.11 -4.86
P2A COA F . 20.93 -12.60 -5.43
O4A COA F . 22.39 -12.31 -5.70
O5A COA F . 20.12 -12.38 -6.69
O6A COA F . 20.34 -11.68 -4.23
CBP COA F . 20.25 -11.92 -1.75
CCP COA F . 21.04 -11.50 -3.01
CDP COA F . 19.89 -10.63 -1.02
CEP COA F . 21.23 -12.69 -0.87
CAP COA F . 18.95 -12.69 -2.02
OAP COA F . 18.83 -13.32 -3.29
C9P COA F . 18.41 -13.59 -0.94
O9P COA F . 18.69 -13.39 0.43
N8P COA F . 17.61 -14.57 -1.39
C7P COA F . 16.19 -14.58 -1.10
C6P COA F . 15.33 -14.19 -2.30
C5P COA F . 15.33 -12.69 -2.46
O5P COA F . 14.66 -11.97 -1.71
N4P COA F . 16.08 -12.24 -3.46
C3P COA F . 16.04 -10.87 -3.95
C2P COA F . 17.37 -10.16 -3.72
S1P COA F . 17.69 -8.84 -4.92
#